data_8W0X
#
_entry.id   8W0X
#
_cell.length_a   79.911
_cell.length_b   79.911
_cell.length_c   294.567
_cell.angle_alpha   90.00
_cell.angle_beta   90.00
_cell.angle_gamma   120.00
#
_symmetry.space_group_name_H-M   'P 32 2 1'
#
loop_
_entity.id
_entity.type
_entity.pdbx_description
1 polymer 'Envelope glycoprotein E2'
2 polymer 'hcab40 Fab Heavy Chain'
3 polymer 'hcab40 Fab Light Chain'
4 branched 2-acetamido-2-deoxy-beta-D-glucopyranose-(1-4)-2-acetamido-2-deoxy-beta-D-glucopyranose
5 branched beta-D-mannopyranose-(1-4)-2-acetamido-2-deoxy-beta-D-glucopyranose-(1-4)-2-acetamido-2-deoxy-beta-D-glucopyranose
6 branched alpha-D-mannopyranose-(1-2)-alpha-D-mannopyranose-(1-3)-[alpha-D-mannopyranose-(1-3)-[alpha-D-mannopyranose-(1-6)]alpha-D-mannopyranose-(1-6)]beta-D-mannopyranose-(1-4)-2-acetamido-2-deoxy-beta-D-glucopyranose-(1-4)-2-acetamido-2-deoxy-beta-D-glucopyranose
7 branched alpha-D-mannopyranose-(1-3)-beta-D-mannopyranose-(1-4)-2-acetamido-2-deoxy-beta-D-glucopyranose-(1-4)-2-acetamido-2-deoxy-beta-D-glucopyranose
8 branched alpha-D-mannopyranose-(1-3)-[alpha-D-mannopyranose-(1-6)]beta-D-mannopyranose-(1-4)-2-acetamido-2-deoxy-beta-D-glucopyranose-(1-3)-2-acetamido-2-deoxy-beta-D-glucopyranose
9 non-polymer 2-acetamido-2-deoxy-beta-D-glucopyranose
#
loop_
_entity_poly.entity_id
_entity_poly.type
_entity_poly.pdbx_seq_one_letter_code
_entity_poly.pdbx_strand_id
1 'polypeptide(L)'
;STHVTGGTASHTTRHFASLFSSGASQRVQLINTNGSWHINRTALNCNDSLHTGFLAALFYTHKFNASGCPERMAHCRPID
EFAQGWGPITYAEGHGSDQRPYCWHYAPRQCGTIPASQVCGPVYCFTPSPVVVGTTDRFGAPTYTWGENETDVLILNNTR
PPQGNWFGCTWMNSTGFTKTCGGPPCNIGGVGNNTLTCPTDCFRKHPEATYTKCGSGPWLTPRCLVDYPYRLWHYPCTVN
FTIFKVRMYVGGVEHRLNAACN
;
C
2 'polypeptide(L)'
;QVQLQQWGAGLLKPSESLSLTCVVYGGSFSGYYWSWIRQPPGKGLEWIGEINPTGSTNYNPSLNSRVTISVDRSKNHLSL
KLSSVTAADTAVYFCARFLPPDYDLLTDYFDPPGAFDIWGQGTMVTVSSASTKGPSVFPLAPSSKSTSGGTAALGCLVKD
YFPEPVTVSWNSGALTSGVHTFPAVLQSSGLYSLSSVVTVPSSSLGTQTYICNVNHKPSNTKVDKRVEPKSCDKTHHHHH
H
;
H
3 'polypeptide(L)'
;DIHMTQSPFSLSASVGDRVTITCRASQSISGWLAWYQQKVGNAPKLLIYKASSLESGVPSRFSGSGSGTEFTLSISSLQP
DDFATYYCQQYNSYPFTFGPGTKVDMKRTVAAPSVFIFPPSDEQLKSGTASVVCLLNNFYPREAKVQWKVDNALQSGNSQ
ESVTEQDSKDSTYSLSSTLTLSKADYEKHKVYACEVTHQGLSSPVTKSFNRGEC
;
L
#
loop_
_chem_comp.id
_chem_comp.type
_chem_comp.name
_chem_comp.formula
BMA D-saccharide, beta linking beta-D-mannopyranose 'C6 H12 O6'
MAN D-saccharide, alpha linking alpha-D-mannopyranose 'C6 H12 O6'
NAG D-saccharide, beta linking 2-acetamido-2-deoxy-beta-D-glucopyranose 'C8 H15 N O6'
#
# COMPACT_ATOMS: atom_id res chain seq x y z
N LEU A 30 6.45 30.13 9.86
CA LEU A 30 5.54 30.64 8.86
C LEU A 30 4.53 29.56 8.47
N ILE A 31 3.97 29.69 7.28
CA ILE A 31 3.02 28.71 6.75
C ILE A 31 3.79 27.47 6.27
N ASN A 32 3.43 26.30 6.79
CA ASN A 32 4.04 25.02 6.43
C ASN A 32 3.02 23.94 6.08
N THR A 33 3.19 23.30 4.91
CA THR A 33 2.33 22.20 4.45
C THR A 33 3.11 20.92 4.08
N ASN A 34 4.20 20.65 4.81
CA ASN A 34 5.15 19.54 4.76
C ASN A 34 6.11 19.63 3.56
N GLY A 35 5.92 20.53 2.59
CA GLY A 35 7.03 20.93 1.75
C GLY A 35 6.70 21.10 0.28
N SER A 36 7.76 21.25 -0.50
CA SER A 36 7.90 21.41 -1.96
C SER A 36 7.70 22.83 -2.50
N TRP A 37 7.21 23.80 -1.72
CA TRP A 37 7.04 25.15 -2.29
C TRP A 37 7.41 26.30 -1.36
N HIS A 38 7.47 26.10 -0.05
CA HIS A 38 7.87 27.16 0.89
C HIS A 38 9.35 27.02 1.24
N ILE A 39 10.16 27.65 0.39
CA ILE A 39 11.59 27.75 0.57
C ILE A 39 11.95 29.20 0.28
N ASN A 40 12.92 29.75 1.02
CA ASN A 40 13.40 31.13 0.82
C ASN A 40 13.54 31.49 -0.65
N ARG A 41 13.76 30.48 -1.51
CA ARG A 41 14.07 30.68 -2.90
C ARG A 41 12.86 30.56 -3.81
N THR A 42 11.66 30.58 -3.24
CA THR A 42 10.43 30.51 -4.00
C THR A 42 9.82 31.90 -4.14
N ALA A 43 9.45 32.26 -5.35
CA ALA A 43 8.90 33.59 -5.58
C ALA A 43 7.41 33.51 -5.26
N LEU A 44 7.03 33.95 -4.06
CA LEU A 44 5.64 34.00 -3.65
C LEU A 44 5.14 35.43 -3.81
N ASN A 45 4.87 35.81 -5.06
CA ASN A 45 4.30 37.11 -5.39
C ASN A 45 3.00 36.79 -6.10
N CYS A 46 1.95 36.58 -5.31
CA CYS A 46 0.70 36.01 -5.77
C CYS A 46 -0.45 36.96 -5.46
N ASN A 47 -1.29 37.23 -6.47
CA ASN A 47 -2.43 38.15 -6.41
C ASN A 47 -3.69 37.39 -6.79
N ASP A 48 -4.40 36.86 -5.80
CA ASP A 48 -5.77 36.37 -5.99
C ASP A 48 -6.78 37.40 -5.46
N SER A 49 -6.77 38.59 -6.06
CA SER A 49 -7.75 39.61 -5.69
C SER A 49 -9.14 39.20 -6.11
N LEU A 50 -9.27 38.52 -7.24
CA LEU A 50 -10.52 38.03 -7.77
C LEU A 50 -11.05 36.82 -7.04
N HIS A 51 -10.34 36.38 -5.99
CA HIS A 51 -10.76 35.25 -5.18
C HIS A 51 -11.08 34.00 -6.02
N THR A 52 -10.14 33.58 -6.86
CA THR A 52 -10.31 32.39 -7.69
C THR A 52 -9.60 31.18 -7.11
N GLY A 53 -9.38 31.14 -5.80
CA GLY A 53 -8.89 29.96 -5.10
C GLY A 53 -7.55 29.36 -5.48
N PHE A 54 -6.78 29.92 -6.42
CA PHE A 54 -5.53 29.29 -6.84
C PHE A 54 -4.51 29.15 -5.71
N LEU A 55 -4.63 29.96 -4.67
CA LEU A 55 -3.66 29.81 -3.60
C LEU A 55 -3.85 28.47 -2.91
N ALA A 56 -5.08 27.94 -2.86
CA ALA A 56 -5.26 26.60 -2.31
C ALA A 56 -4.42 25.57 -3.08
N ALA A 57 -4.36 25.71 -4.41
CA ALA A 57 -3.53 24.80 -5.21
C ALA A 57 -2.04 24.99 -4.93
N LEU A 58 -1.60 26.24 -4.80
CA LEU A 58 -0.20 26.45 -4.43
C LEU A 58 0.15 25.78 -3.10
N PHE A 59 -0.79 25.73 -2.17
CA PHE A 59 -0.49 25.15 -0.85
C PHE A 59 -0.81 23.68 -0.69
N TYR A 60 -1.63 23.10 -1.56
CA TYR A 60 -1.95 21.68 -1.49
C TYR A 60 -1.78 21.08 -2.87
N THR A 61 -0.88 20.11 -3.00
CA THR A 61 -0.63 19.58 -4.34
C THR A 61 -1.87 18.86 -4.88
N HIS A 62 -2.72 18.34 -4.00
CA HIS A 62 -3.90 17.63 -4.48
C HIS A 62 -5.04 18.56 -4.96
N LYS A 63 -4.88 19.87 -4.87
CA LYS A 63 -5.96 20.78 -5.24
C LYS A 63 -5.70 21.34 -6.64
N PHE A 64 -6.71 21.26 -7.48
CA PHE A 64 -6.62 21.71 -8.86
C PHE A 64 -7.94 22.35 -9.20
N ASN A 65 -7.94 23.11 -10.30
CA ASN A 65 -9.16 23.71 -10.84
C ASN A 65 -9.30 23.20 -12.27
N ALA A 66 -10.24 22.27 -12.48
CA ALA A 66 -10.42 21.64 -13.77
C ALA A 66 -11.64 22.16 -14.52
N SER A 67 -12.28 23.21 -14.05
CA SER A 67 -13.39 23.78 -14.77
C SER A 67 -12.91 24.38 -16.09
N GLY A 68 -13.70 24.19 -17.14
CA GLY A 68 -13.36 24.69 -18.44
C GLY A 68 -12.43 23.81 -19.23
N CYS A 69 -11.97 22.71 -18.64
CA CYS A 69 -11.12 21.78 -19.35
C CYS A 69 -11.80 21.14 -20.58
N PRO A 70 -13.08 20.74 -20.51
CA PRO A 70 -13.74 20.22 -21.73
C PRO A 70 -13.58 21.11 -22.95
N GLU A 71 -13.94 22.39 -22.85
CA GLU A 71 -13.79 23.28 -24.00
C GLU A 71 -12.34 23.36 -24.43
N ARG A 72 -11.43 23.60 -23.47
CA ARG A 72 -10.04 23.86 -23.81
C ARG A 72 -9.44 22.71 -24.60
N MET A 73 -9.79 21.47 -24.22
CA MET A 73 -9.18 20.32 -24.87
C MET A 73 -9.62 20.16 -26.31
N ALA A 74 -10.80 20.65 -26.68
CA ALA A 74 -11.26 20.52 -28.06
C ALA A 74 -10.27 21.19 -29.03
N HIS A 75 -9.76 22.37 -28.65
CA HIS A 75 -8.83 23.09 -29.53
C HIS A 75 -7.52 22.32 -29.72
N CYS A 76 -7.10 21.53 -28.73
CA CYS A 76 -5.95 20.66 -28.92
C CYS A 76 -6.28 19.56 -29.92
N ARG A 77 -5.33 19.29 -30.81
CA ARG A 77 -5.54 18.38 -31.92
C ARG A 77 -4.64 17.17 -31.75
N PRO A 78 -5.06 16.00 -32.23
CA PRO A 78 -4.16 14.85 -32.30
C PRO A 78 -3.14 14.99 -33.42
N ILE A 79 -2.01 14.27 -33.27
CA ILE A 79 -0.86 14.44 -34.17
C ILE A 79 -1.19 14.03 -35.59
N ASP A 80 -2.07 13.04 -35.77
CA ASP A 80 -2.38 12.58 -37.12
C ASP A 80 -3.04 13.67 -37.95
N GLU A 81 -3.88 14.50 -37.32
CA GLU A 81 -4.56 15.57 -38.04
C GLU A 81 -3.60 16.60 -38.60
N PHE A 82 -2.38 16.71 -38.05
CA PHE A 82 -1.40 17.65 -38.57
C PHE A 82 -0.75 17.12 -39.84
N ALA A 83 -0.23 18.05 -40.63
CA ALA A 83 0.41 17.71 -41.88
C ALA A 83 1.69 16.91 -41.62
N GLN A 84 1.99 16.02 -42.56
CA GLN A 84 3.25 15.29 -42.49
C GLN A 84 4.41 16.21 -42.85
N GLY A 85 5.59 15.84 -42.39
CA GLY A 85 6.76 16.70 -42.49
C GLY A 85 7.84 16.08 -43.37
N TRP A 86 8.61 16.96 -44.02
CA TRP A 86 9.58 16.55 -45.02
C TRP A 86 10.77 17.51 -45.00
N GLY A 87 11.92 16.99 -45.41
CA GLY A 87 13.09 17.79 -45.59
C GLY A 87 13.86 17.99 -44.31
N PRO A 88 14.67 19.05 -44.25
CA PRO A 88 15.41 19.36 -43.02
C PRO A 88 14.51 19.96 -41.97
N ILE A 89 14.98 19.91 -40.73
CA ILE A 89 14.27 20.48 -39.61
C ILE A 89 14.93 21.81 -39.29
N THR A 90 14.13 22.85 -39.11
CA THR A 90 14.65 24.15 -38.75
C THR A 90 13.98 24.66 -37.48
N TYR A 91 14.67 25.50 -36.72
CA TYR A 91 14.10 25.93 -35.44
C TYR A 91 13.16 27.13 -35.62
N ALA A 92 12.27 27.33 -34.64
CA ALA A 92 11.15 28.26 -34.77
C ALA A 92 10.95 29.08 -33.49
N GLU A 93 10.24 30.20 -33.63
CA GLU A 93 9.91 31.08 -32.51
C GLU A 93 8.42 31.38 -32.51
N GLY A 94 7.73 31.03 -31.43
CA GLY A 94 6.30 31.25 -31.34
C GLY A 94 5.95 32.46 -30.50
N ASP A 98 1.62 33.02 -28.00
CA ASP A 98 0.22 32.62 -27.88
C ASP A 98 -0.17 32.79 -26.41
N GLN A 99 -1.28 32.19 -25.93
CA GLN A 99 -1.72 32.41 -24.55
C GLN A 99 -1.96 31.17 -23.69
N ARG A 100 -2.34 30.02 -24.24
CA ARG A 100 -2.59 28.90 -23.34
C ARG A 100 -1.73 27.69 -23.65
N PRO A 101 -1.04 27.11 -22.67
CA PRO A 101 -0.10 26.02 -22.93
C PRO A 101 -0.67 24.62 -22.75
N TYR A 102 -1.98 24.48 -22.60
CA TYR A 102 -2.55 23.20 -22.22
C TYR A 102 -2.34 22.15 -23.30
N CYS A 103 -2.24 22.57 -24.56
CA CYS A 103 -2.13 21.62 -25.65
C CYS A 103 -0.73 21.06 -25.75
N TRP A 104 -0.65 19.80 -26.16
CA TRP A 104 0.66 19.22 -26.39
C TRP A 104 1.42 19.92 -27.50
N HIS A 105 0.73 20.64 -28.40
CA HIS A 105 1.40 21.26 -29.55
C HIS A 105 1.69 22.74 -29.35
N TYR A 106 1.39 23.31 -28.19
CA TYR A 106 1.70 24.72 -27.96
C TYR A 106 3.18 24.95 -28.23
N ALA A 107 3.48 26.00 -29.01
CA ALA A 107 4.87 26.30 -29.37
C ALA A 107 5.49 27.26 -28.38
N PRO A 108 6.29 26.78 -27.43
CA PRO A 108 6.77 27.65 -26.36
C PRO A 108 7.72 28.69 -26.91
N ARG A 109 7.77 29.82 -26.21
CA ARG A 109 8.79 30.81 -26.47
C ARG A 109 10.06 30.39 -25.75
N GLN A 110 11.21 30.74 -26.30
CA GLN A 110 12.46 30.30 -25.69
C GLN A 110 12.66 30.96 -24.34
N CYS A 111 13.36 30.27 -23.44
CA CYS A 111 13.46 30.71 -22.06
C CYS A 111 14.42 31.87 -21.87
N GLY A 112 14.06 32.76 -20.96
CA GLY A 112 14.95 33.82 -20.60
C GLY A 112 14.91 34.03 -19.11
N THR A 113 15.40 35.18 -18.66
CA THR A 113 15.33 35.50 -17.25
C THR A 113 14.03 36.27 -16.95
N ILE A 114 13.31 35.82 -15.94
CA ILE A 114 12.04 36.47 -15.63
C ILE A 114 12.09 37.06 -14.23
N PRO A 115 11.53 38.24 -14.02
CA PRO A 115 11.62 38.88 -12.71
C PRO A 115 10.80 38.13 -11.69
N ALA A 116 11.37 37.97 -10.49
CA ALA A 116 10.68 37.20 -9.46
C ALA A 116 9.31 37.80 -9.12
N SER A 117 9.11 39.09 -9.42
CA SER A 117 7.86 39.78 -9.16
C SER A 117 6.67 39.15 -9.89
N GLN A 118 6.93 38.40 -10.97
CA GLN A 118 5.91 37.90 -11.87
C GLN A 118 5.67 36.42 -11.69
N VAL A 119 6.22 35.82 -10.64
CA VAL A 119 6.07 34.41 -10.42
C VAL A 119 5.45 34.18 -9.06
N CYS A 120 4.44 33.34 -9.04
CA CYS A 120 3.92 32.73 -7.85
C CYS A 120 4.42 31.29 -7.78
N GLY A 121 5.06 30.96 -6.67
CA GLY A 121 5.39 29.59 -6.37
C GLY A 121 6.55 29.01 -7.15
N PRO A 122 6.71 27.69 -7.02
CA PRO A 122 7.85 27.00 -7.64
C PRO A 122 7.84 27.09 -9.15
N VAL A 123 9.05 27.07 -9.73
CA VAL A 123 9.30 27.04 -11.16
C VAL A 123 10.00 25.73 -11.50
N TYR A 124 9.37 24.92 -12.35
CA TYR A 124 9.87 23.59 -12.66
C TYR A 124 10.38 23.60 -14.08
N CYS A 125 11.48 22.90 -14.30
CA CYS A 125 12.22 22.90 -15.53
C CYS A 125 12.52 21.44 -15.83
N PHE A 126 12.64 21.09 -17.10
CA PHE A 126 12.56 19.67 -17.46
C PHE A 126 13.78 19.19 -18.23
N THR A 127 14.60 18.38 -17.55
CA THR A 127 15.89 17.91 -18.03
C THR A 127 15.66 16.86 -19.11
N PRO A 128 14.97 15.76 -18.84
CA PRO A 128 13.55 15.74 -19.17
C PRO A 128 12.83 15.77 -17.84
N SER A 129 13.61 15.47 -16.80
CA SER A 129 13.10 15.18 -15.48
C SER A 129 12.73 16.48 -14.81
N PRO A 130 11.91 16.44 -13.76
CA PRO A 130 11.48 17.69 -13.11
C PRO A 130 12.56 18.21 -12.16
N VAL A 131 12.99 19.45 -12.40
CA VAL A 131 14.01 20.11 -11.57
C VAL A 131 13.55 21.55 -11.27
N VAL A 132 13.85 22.05 -10.08
CA VAL A 132 13.31 23.35 -9.65
C VAL A 132 14.37 24.44 -9.65
N VAL A 133 14.03 25.55 -10.30
CA VAL A 133 14.90 26.73 -10.33
C VAL A 133 14.40 27.78 -9.36
N GLY A 134 15.28 28.27 -8.51
CA GLY A 134 14.94 29.13 -7.42
C GLY A 134 15.34 30.56 -7.74
N THR A 135 15.08 31.43 -6.78
CA THR A 135 15.36 32.85 -6.98
C THR A 135 16.86 33.10 -6.91
N THR A 136 17.33 34.01 -7.76
CA THR A 136 18.73 34.34 -7.89
C THR A 136 18.85 35.84 -8.09
N ASP A 137 20.05 36.38 -7.88
CA ASP A 137 20.29 37.76 -8.28
C ASP A 137 20.58 37.75 -9.77
N ARG A 138 20.90 38.91 -10.34
CA ARG A 138 21.14 39.00 -11.77
C ARG A 138 22.39 38.23 -12.23
N PHE A 139 23.22 37.73 -11.32
CA PHE A 139 24.50 37.11 -11.69
C PHE A 139 24.58 35.62 -11.30
N GLY A 140 23.43 34.97 -11.10
CA GLY A 140 23.38 33.56 -10.79
C GLY A 140 23.48 33.23 -9.33
N ALA A 141 23.74 34.21 -8.48
CA ALA A 141 23.88 33.94 -7.06
C ALA A 141 22.53 33.54 -6.48
N PRO A 142 22.53 32.62 -5.50
CA PRO A 142 21.27 32.23 -4.86
C PRO A 142 20.82 33.30 -3.90
N THR A 143 19.58 33.74 -4.06
CA THR A 143 18.96 34.73 -3.20
C THR A 143 17.80 34.09 -2.44
N TYR A 144 17.63 34.48 -1.19
CA TYR A 144 16.81 33.76 -0.22
C TYR A 144 15.64 34.59 0.31
N THR A 145 15.12 35.55 -0.47
CA THR A 145 14.15 36.49 0.08
C THR A 145 12.79 36.40 -0.60
N TRP A 146 12.39 35.20 -1.03
CA TRP A 146 11.06 34.96 -1.61
C TRP A 146 10.75 35.96 -2.73
N GLY A 147 11.74 36.22 -3.57
CA GLY A 147 11.51 37.11 -4.69
C GLY A 147 11.05 38.49 -4.32
N GLU A 148 11.35 38.95 -3.10
CA GLU A 148 10.88 40.26 -2.67
C GLU A 148 11.81 41.38 -3.12
N ASN A 149 13.13 41.13 -3.14
CA ASN A 149 14.05 42.12 -3.68
C ASN A 149 13.80 42.27 -5.18
N GLU A 150 13.95 43.50 -5.68
CA GLU A 150 13.75 43.73 -7.10
C GLU A 150 14.91 43.22 -7.94
N THR A 151 16.09 43.06 -7.34
CA THR A 151 17.16 42.35 -8.01
C THR A 151 16.79 40.90 -8.32
N ASP A 152 15.87 40.32 -7.55
CA ASP A 152 15.64 38.87 -7.63
C ASP A 152 14.95 38.45 -8.93
N VAL A 153 15.51 37.40 -9.54
CA VAL A 153 15.12 36.91 -10.85
C VAL A 153 15.07 35.38 -10.84
N LEU A 154 14.47 34.83 -11.87
CA LEU A 154 14.53 33.40 -12.16
C LEU A 154 15.27 33.28 -13.49
N ILE A 155 16.51 32.78 -13.46
CA ILE A 155 17.30 32.67 -14.69
C ILE A 155 16.94 31.33 -15.32
N LEU A 156 16.10 31.37 -16.34
CA LEU A 156 15.61 30.15 -16.95
C LEU A 156 16.21 29.90 -18.32
N ASN A 157 17.15 30.74 -18.77
CA ASN A 157 17.75 30.60 -20.08
C ASN A 157 18.21 29.16 -20.30
N ASN A 158 17.87 28.60 -21.47
CA ASN A 158 18.11 27.17 -21.68
C ASN A 158 18.90 26.92 -22.96
N THR A 159 19.75 25.88 -22.91
CA THR A 159 20.29 25.19 -24.08
C THR A 159 19.89 23.73 -23.93
N ARG A 160 19.42 23.12 -25.03
CA ARG A 160 18.93 21.75 -24.93
C ARG A 160 20.04 20.81 -24.47
N PRO A 161 19.77 19.91 -23.54
CA PRO A 161 20.74 18.90 -23.18
C PRO A 161 20.89 17.86 -24.29
N PRO A 162 21.92 17.02 -24.23
CA PRO A 162 22.88 16.79 -23.14
C PRO A 162 23.85 17.95 -22.86
N GLN A 163 24.35 18.65 -23.88
CA GLN A 163 25.24 19.79 -23.65
C GLN A 163 24.37 21.02 -23.35
N GLY A 164 23.82 21.03 -22.14
CA GLY A 164 22.86 22.04 -21.77
C GLY A 164 22.26 21.77 -20.41
N ASN A 165 21.13 22.43 -20.13
CA ASN A 165 20.52 22.46 -18.80
C ASN A 165 19.14 21.80 -18.71
N TRP A 166 18.23 22.12 -19.63
CA TRP A 166 16.88 21.56 -19.56
C TRP A 166 16.21 21.88 -20.88
N PHE A 167 15.12 21.17 -21.15
CA PHE A 167 14.45 21.38 -22.42
C PHE A 167 13.43 22.49 -22.36
N GLY A 168 12.82 22.74 -21.21
CA GLY A 168 11.83 23.80 -21.06
C GLY A 168 11.47 24.01 -19.60
N CYS A 169 10.54 24.94 -19.36
CA CYS A 169 10.16 25.26 -18.00
C CYS A 169 8.72 25.74 -17.95
N THR A 170 8.15 25.70 -16.74
CA THR A 170 6.75 26.01 -16.46
C THR A 170 6.60 26.54 -15.03
N TRP A 171 5.90 27.67 -14.91
CA TRP A 171 5.62 28.29 -13.62
C TRP A 171 4.22 28.88 -13.63
N MET A 172 3.96 29.71 -12.63
CA MET A 172 2.68 30.42 -12.52
C MET A 172 2.87 31.93 -12.49
N ASN A 173 2.19 32.59 -13.40
CA ASN A 173 1.84 33.99 -13.28
C ASN A 173 1.46 34.39 -11.87
N SER A 174 1.83 35.61 -11.51
CA SER A 174 1.43 36.13 -10.21
C SER A 174 -0.08 36.20 -10.06
N THR A 175 -0.83 36.17 -11.16
CA THR A 175 -2.29 36.18 -11.07
C THR A 175 -2.89 34.83 -11.35
N GLY A 176 -2.06 33.79 -11.37
CA GLY A 176 -2.55 32.43 -11.35
C GLY A 176 -2.59 31.73 -12.68
N PHE A 177 -1.86 32.21 -13.67
CA PHE A 177 -1.91 31.64 -15.01
C PHE A 177 -0.64 30.86 -15.30
N THR A 178 -0.80 29.69 -15.92
CA THR A 178 0.37 28.86 -16.17
C THR A 178 1.16 29.43 -17.35
N LYS A 179 2.47 29.41 -17.20
CA LYS A 179 3.39 30.05 -18.12
C LYS A 179 4.47 29.04 -18.48
N THR A 180 4.74 28.89 -19.77
CA THR A 180 5.71 27.91 -20.21
C THR A 180 6.64 28.57 -21.21
N CYS A 181 7.93 28.38 -21.00
CA CYS A 181 8.99 28.74 -21.94
C CYS A 181 9.72 27.47 -22.35
N GLY A 182 10.38 27.50 -23.50
CA GLY A 182 11.18 26.34 -23.87
C GLY A 182 11.69 26.45 -25.29
N GLY A 183 12.39 25.40 -25.71
CA GLY A 183 12.79 25.27 -27.10
C GLY A 183 14.21 25.72 -27.37
N PRO A 184 14.44 26.38 -28.52
CA PRO A 184 13.52 26.66 -29.65
C PRO A 184 12.86 25.41 -30.26
N PRO A 185 11.54 25.48 -30.53
CA PRO A 185 10.83 24.33 -31.13
C PRO A 185 11.17 24.11 -32.60
N CYS A 186 10.51 23.12 -33.23
CA CYS A 186 10.96 22.55 -34.50
C CYS A 186 9.94 22.74 -35.61
N ASN A 187 10.40 23.23 -36.75
CA ASN A 187 9.69 23.17 -38.02
C ASN A 187 10.13 21.93 -38.80
N ILE A 188 9.14 21.09 -39.09
CA ILE A 188 9.33 19.82 -39.77
C ILE A 188 8.89 19.91 -41.23
N GLY A 189 8.59 21.11 -41.71
CA GLY A 189 8.09 21.21 -43.04
C GLY A 189 6.62 20.80 -43.11
N GLY A 190 6.18 20.55 -44.35
CA GLY A 190 4.79 20.27 -44.66
C GLY A 190 4.10 21.48 -45.27
N VAL A 191 3.00 21.21 -45.97
CA VAL A 191 2.25 22.25 -46.68
C VAL A 191 0.78 22.12 -46.37
N GLY A 192 0.10 23.27 -46.23
CA GLY A 192 -1.32 23.38 -45.99
C GLY A 192 -1.58 24.32 -44.84
N ASN A 193 -2.81 24.33 -44.36
CA ASN A 193 -3.11 24.96 -43.08
C ASN A 193 -2.92 24.00 -41.92
N ASN A 194 -2.43 22.79 -42.20
CA ASN A 194 -2.28 21.74 -41.21
C ASN A 194 -0.84 21.56 -40.77
N THR A 195 0.06 22.45 -41.18
CA THR A 195 1.48 22.28 -40.87
C THR A 195 1.72 22.36 -39.36
N LEU A 196 2.76 21.66 -38.89
CA LEU A 196 3.00 21.45 -37.46
C LEU A 196 4.40 21.88 -37.04
N THR A 197 4.46 22.53 -35.88
CA THR A 197 5.69 22.87 -35.16
C THR A 197 5.81 21.92 -33.98
N CYS A 198 6.87 21.12 -33.97
CA CYS A 198 6.99 20.07 -32.97
C CYS A 198 7.69 20.58 -31.72
N PRO A 199 7.02 20.65 -30.57
CA PRO A 199 7.69 20.85 -29.27
C PRO A 199 7.93 19.57 -28.47
N THR A 200 7.77 18.41 -29.08
CA THR A 200 7.82 17.10 -28.41
C THR A 200 8.52 16.11 -29.33
N ASP A 201 8.30 14.81 -29.09
CA ASP A 201 8.78 13.77 -29.99
C ASP A 201 7.69 13.48 -31.02
N CYS A 202 7.98 13.73 -32.31
CA CYS A 202 7.01 13.64 -33.40
C CYS A 202 7.51 12.72 -34.51
N PHE A 203 8.01 11.54 -34.14
CA PHE A 203 8.73 10.73 -35.13
C PHE A 203 7.82 10.29 -36.27
N ARG A 204 6.54 10.00 -36.00
CA ARG A 204 5.62 9.69 -37.09
C ARG A 204 5.58 10.80 -38.12
N LYS A 205 5.38 12.03 -37.66
CA LYS A 205 5.20 13.15 -38.57
C LYS A 205 6.50 13.54 -39.25
N HIS A 206 7.64 13.26 -38.62
CA HIS A 206 8.95 13.52 -39.20
C HIS A 206 9.94 12.67 -38.43
N PRO A 207 10.77 11.88 -39.10
CA PRO A 207 11.65 10.94 -38.38
C PRO A 207 12.73 11.59 -37.55
N GLU A 208 13.10 12.85 -37.84
CA GLU A 208 14.11 13.57 -37.07
C GLU A 208 13.49 14.46 -35.99
N ALA A 209 12.17 14.42 -35.83
CA ALA A 209 11.48 15.19 -34.78
C ALA A 209 11.46 14.37 -33.49
N THR A 210 12.64 14.17 -32.93
CA THR A 210 12.80 13.40 -31.71
C THR A 210 13.03 14.36 -30.55
N TYR A 211 12.59 13.94 -29.36
CA TYR A 211 12.61 14.84 -28.20
C TYR A 211 13.98 15.45 -27.99
N THR A 212 15.03 14.72 -28.30
CA THR A 212 16.36 15.27 -28.10
C THR A 212 16.66 16.40 -29.06
N LYS A 213 16.00 16.40 -30.22
CA LYS A 213 16.09 17.50 -31.17
C LYS A 213 15.02 18.56 -30.91
N CYS A 214 13.80 18.12 -30.62
CA CYS A 214 12.63 18.98 -30.69
C CYS A 214 11.93 19.22 -29.36
N GLY A 215 12.30 18.54 -28.29
CA GLY A 215 11.61 18.71 -27.02
C GLY A 215 11.75 20.14 -26.51
N SER A 216 10.65 20.73 -26.05
CA SER A 216 10.65 22.11 -25.58
C SER A 216 9.88 22.31 -24.28
N GLY A 217 9.85 21.28 -23.42
CA GLY A 217 9.10 21.37 -22.20
C GLY A 217 8.77 20.01 -21.62
N PRO A 218 7.67 19.94 -20.87
CA PRO A 218 7.35 18.70 -20.16
C PRO A 218 6.67 17.65 -21.02
N TRP A 219 6.39 17.93 -22.30
CA TRP A 219 5.67 16.99 -23.15
C TRP A 219 6.62 15.97 -23.79
N LEU A 220 6.66 14.76 -23.23
CA LEU A 220 7.60 13.76 -23.71
C LEU A 220 7.20 13.23 -25.09
N THR A 221 5.92 12.94 -25.27
CA THR A 221 5.37 12.60 -26.58
C THR A 221 4.10 13.41 -26.69
N PRO A 222 3.38 13.37 -27.82
CA PRO A 222 2.10 14.09 -27.87
C PRO A 222 1.09 13.64 -26.84
N ARG A 223 1.23 12.42 -26.30
CA ARG A 223 0.25 11.85 -25.39
C ARG A 223 0.74 11.74 -23.95
N CYS A 224 1.97 12.18 -23.66
CA CYS A 224 2.58 12.01 -22.34
C CYS A 224 3.32 13.27 -21.91
N LEU A 225 3.24 13.62 -20.63
CA LEU A 225 4.06 14.70 -20.06
C LEU A 225 4.65 14.33 -18.70
N VAL A 226 5.77 14.96 -18.37
CA VAL A 226 6.51 14.59 -17.16
C VAL A 226 5.67 14.84 -15.92
N ASP A 227 5.69 13.89 -14.99
CA ASP A 227 4.93 14.03 -13.76
C ASP A 227 5.80 14.73 -12.73
N TYR A 228 5.27 15.78 -12.12
CA TYR A 228 5.93 16.48 -11.02
C TYR A 228 4.87 16.89 -10.02
N PRO A 229 5.25 17.41 -8.80
CA PRO A 229 4.23 17.81 -7.81
C PRO A 229 3.18 18.81 -8.29
N TYR A 230 3.59 19.95 -8.82
CA TYR A 230 2.61 20.97 -9.22
C TYR A 230 2.20 20.81 -10.69
N ARG A 231 1.87 19.57 -11.05
CA ARG A 231 1.40 19.32 -12.40
C ARG A 231 -0.10 19.43 -12.51
N LEU A 232 -0.82 19.01 -11.47
CA LEU A 232 -2.26 19.22 -11.41
C LEU A 232 -2.59 20.71 -11.40
N TRP A 233 -1.72 21.52 -10.79
CA TRP A 233 -1.88 22.97 -10.83
C TRP A 233 -1.57 23.55 -12.19
N HIS A 234 -0.34 23.39 -12.65
CA HIS A 234 0.08 23.96 -13.92
C HIS A 234 -0.73 23.39 -15.07
N TYR A 235 -0.96 22.08 -15.08
CA TYR A 235 -1.69 21.41 -16.18
C TYR A 235 -2.89 20.69 -15.61
N PRO A 236 -3.97 21.41 -15.28
CA PRO A 236 -5.09 20.78 -14.55
C PRO A 236 -5.97 19.88 -15.40
N CYS A 237 -5.83 19.90 -16.72
CA CYS A 237 -6.61 18.99 -17.55
C CYS A 237 -5.95 17.62 -17.67
N THR A 238 -4.79 17.41 -17.04
CA THR A 238 -4.14 16.11 -17.06
C THR A 238 -4.52 15.32 -15.83
N VAL A 239 -5.67 15.62 -15.23
CA VAL A 239 -5.94 15.09 -13.91
C VAL A 239 -6.38 13.64 -13.97
N ASN A 240 -7.13 13.29 -15.01
CA ASN A 240 -7.59 11.92 -15.18
C ASN A 240 -6.51 11.03 -15.83
N PHE A 241 -5.47 11.65 -16.41
CA PHE A 241 -4.34 10.92 -17.00
C PHE A 241 -3.81 9.89 -16.01
N THR A 242 -3.27 8.80 -16.52
CA THR A 242 -2.67 7.78 -15.68
C THR A 242 -1.15 7.94 -15.64
N ILE A 243 -0.57 7.60 -14.50
CA ILE A 243 0.88 7.69 -14.35
C ILE A 243 1.51 6.36 -14.70
N PHE A 244 2.54 6.43 -15.53
CA PHE A 244 3.33 5.30 -15.96
C PHE A 244 4.80 5.59 -15.66
N LYS A 245 5.55 4.52 -15.47
CA LYS A 245 7.01 4.59 -15.55
C LYS A 245 7.38 4.53 -17.02
N VAL A 246 8.02 5.56 -17.54
CA VAL A 246 8.42 5.52 -18.94
C VAL A 246 9.94 5.59 -19.04
N ARG A 247 10.46 5.19 -20.19
CA ARG A 247 11.90 5.18 -20.42
C ARG A 247 12.21 5.93 -21.71
N MET A 248 13.19 6.82 -21.65
CA MET A 248 13.56 7.60 -22.82
C MET A 248 15.06 7.78 -22.80
N TYR A 249 15.61 8.12 -23.97
CA TYR A 249 17.04 8.42 -24.10
C TYR A 249 17.21 9.87 -24.57
N VAL A 250 18.16 10.57 -23.96
CA VAL A 250 18.60 11.90 -24.39
C VAL A 250 20.06 11.79 -24.78
N GLY A 251 20.34 11.98 -26.07
CA GLY A 251 21.70 11.89 -26.56
C GLY A 251 22.38 10.57 -26.24
N GLY A 252 21.63 9.48 -26.32
CA GLY A 252 22.20 8.18 -26.00
C GLY A 252 22.39 7.88 -24.53
N VAL A 253 21.87 8.70 -23.61
CA VAL A 253 21.88 8.33 -22.21
C VAL A 253 20.43 8.08 -21.78
N GLU A 254 20.23 7.29 -20.73
CA GLU A 254 18.89 6.82 -20.40
C GLU A 254 18.33 7.57 -19.21
N HIS A 255 17.09 8.07 -19.34
CA HIS A 255 16.29 8.54 -18.22
C HIS A 255 15.09 7.62 -18.04
N ARG A 256 14.91 7.13 -16.82
CA ARG A 256 13.72 6.39 -16.41
C ARG A 256 12.89 7.34 -15.53
N LEU A 257 11.71 7.74 -16.00
CA LEU A 257 10.99 8.82 -15.34
C LEU A 257 9.48 8.59 -15.35
N ASN A 258 8.82 8.95 -14.26
CA ASN A 258 7.37 8.80 -14.22
C ASN A 258 6.72 9.92 -15.00
N ALA A 259 5.72 9.57 -15.79
CA ALA A 259 5.02 10.58 -16.56
C ALA A 259 3.57 10.16 -16.72
N ALA A 260 2.73 11.15 -16.99
CA ALA A 260 1.29 10.97 -17.07
C ALA A 260 0.82 11.04 -18.51
N CYS A 261 -0.05 10.09 -18.88
CA CYS A 261 -0.46 9.88 -20.26
C CYS A 261 -1.95 9.60 -20.30
N ASN A 262 -2.59 10.05 -21.39
CA ASN A 262 -3.91 9.57 -21.75
C ASN A 262 -4.35 10.10 -23.12
N GLN B 1 7.88 8.73 -1.86
CA GLN B 1 7.23 9.82 -1.15
C GLN B 1 5.84 9.43 -0.67
N VAL B 2 5.07 8.75 -1.54
CA VAL B 2 3.66 8.58 -1.29
C VAL B 2 3.47 7.69 -0.07
N GLN B 3 2.57 8.11 0.82
CA GLN B 3 2.21 7.37 2.03
C GLN B 3 0.70 7.22 2.09
N LEU B 4 0.25 6.22 2.86
CA LEU B 4 -1.17 5.99 3.08
C LEU B 4 -1.45 6.01 4.59
N GLN B 5 -2.09 7.06 5.07
CA GLN B 5 -2.51 7.13 6.47
C GLN B 5 -3.95 6.62 6.55
N GLN B 6 -4.18 5.60 7.36
CA GLN B 6 -5.46 4.92 7.36
C GLN B 6 -6.20 5.28 8.64
N TRP B 7 -7.51 5.51 8.57
CA TRP B 7 -8.25 5.94 9.75
C TRP B 7 -9.12 4.79 10.27
N GLY B 8 -9.14 4.63 11.59
CA GLY B 8 -9.76 3.45 12.20
C GLY B 8 -11.28 3.43 12.15
N ALA B 9 -11.85 2.46 12.88
CA ALA B 9 -13.28 2.20 12.89
C ALA B 9 -13.77 2.03 14.31
N GLY B 10 -15.09 1.94 14.44
CA GLY B 10 -15.72 1.64 15.70
C GLY B 10 -16.32 0.25 15.66
N LEU B 11 -16.73 -0.18 16.84
CA LEU B 11 -17.47 -1.42 16.98
C LEU B 11 -18.65 -1.42 16.01
N LEU B 12 -18.83 -2.52 15.29
CA LEU B 12 -19.97 -2.63 14.40
C LEU B 12 -20.87 -3.77 14.85
N LYS B 13 -22.12 -3.72 14.38
CA LYS B 13 -23.09 -4.77 14.58
C LYS B 13 -23.60 -5.18 13.21
N PRO B 14 -24.05 -6.43 13.05
CA PRO B 14 -24.60 -6.84 11.75
C PRO B 14 -25.65 -5.88 11.21
N SER B 15 -25.85 -5.91 9.88
CA SER B 15 -26.87 -5.12 9.20
C SER B 15 -26.48 -3.66 9.18
N GLU B 16 -25.43 -3.31 9.89
CA GLU B 16 -24.92 -1.96 9.84
C GLU B 16 -24.15 -1.75 8.55
N SER B 17 -23.67 -0.54 8.35
CA SER B 17 -22.81 -0.22 7.23
C SER B 17 -21.45 0.21 7.77
N LEU B 18 -20.39 -0.09 7.02
CA LEU B 18 -19.02 0.29 7.36
C LEU B 18 -18.54 1.36 6.38
N SER B 19 -17.82 2.34 6.89
CA SER B 19 -17.18 3.35 6.06
C SER B 19 -15.80 3.66 6.63
N LEU B 20 -14.78 3.48 5.82
CA LEU B 20 -13.39 3.62 6.24
C LEU B 20 -12.64 4.48 5.23
N THR B 21 -11.79 5.36 5.75
CA THR B 21 -11.07 6.31 4.92
C THR B 21 -9.57 6.15 5.08
N CYS B 22 -8.86 6.61 4.07
CA CYS B 22 -7.42 6.55 4.01
C CYS B 22 -6.98 7.80 3.24
N VAL B 23 -6.03 8.55 3.78
CA VAL B 23 -5.60 9.81 3.21
C VAL B 23 -4.18 9.68 2.66
N VAL B 24 -4.02 10.10 1.41
CA VAL B 24 -2.77 9.96 0.68
C VAL B 24 -1.85 11.11 1.11
N TYR B 25 -0.81 10.80 1.85
CA TYR B 25 0.20 11.80 2.08
C TYR B 25 1.30 11.63 1.04
N GLY B 26 2.22 12.60 0.98
CA GLY B 26 3.35 12.47 0.09
C GLY B 26 3.08 12.86 -1.35
N GLY B 27 1.84 12.70 -1.79
CA GLY B 27 1.45 13.13 -3.12
C GLY B 27 -0.05 13.07 -3.31
N SER B 28 -0.49 13.56 -4.45
CA SER B 28 -1.88 13.51 -4.84
C SER B 28 -2.32 12.08 -5.16
N PHE B 29 -3.65 11.90 -5.23
CA PHE B 29 -4.33 10.68 -5.62
C PHE B 29 -4.34 10.49 -7.13
N SER B 30 -4.05 11.52 -7.92
CA SER B 30 -4.29 11.48 -9.34
C SER B 30 -3.37 10.51 -10.07
N GLY B 31 -3.89 9.95 -11.16
CA GLY B 31 -3.11 9.13 -12.06
C GLY B 31 -2.79 7.75 -11.56
N TYR B 32 -3.15 7.41 -10.34
CA TYR B 32 -2.85 6.12 -9.74
C TYR B 32 -4.09 5.24 -9.74
N TYR B 33 -3.89 3.95 -9.55
CA TYR B 33 -4.98 2.99 -9.31
C TYR B 33 -4.99 2.66 -7.83
N TRP B 34 -6.17 2.63 -7.24
CA TRP B 34 -6.21 2.39 -5.81
C TRP B 34 -7.13 1.21 -5.53
N SER B 35 -6.79 0.42 -4.52
CA SER B 35 -7.60 -0.76 -4.24
C SER B 35 -7.72 -1.00 -2.75
N TRP B 36 -8.73 -1.81 -2.41
CA TRP B 36 -8.97 -2.24 -1.03
C TRP B 36 -8.88 -3.75 -0.95
N ILE B 37 -8.14 -4.21 0.08
CA ILE B 37 -7.85 -5.61 0.40
C ILE B 37 -8.07 -5.85 1.89
N ARG B 38 -8.64 -7.01 2.23
CA ARG B 38 -8.99 -7.34 3.61
C ARG B 38 -8.43 -8.70 3.98
N GLN B 39 -8.00 -8.83 5.23
CA GLN B 39 -7.44 -10.07 5.77
C GLN B 39 -8.27 -10.45 6.98
N PRO B 40 -9.14 -11.46 6.89
CA PRO B 40 -9.73 -12.00 8.12
C PRO B 40 -8.66 -12.36 9.11
N PRO B 41 -8.99 -12.41 10.40
CA PRO B 41 -7.94 -12.61 11.42
C PRO B 41 -7.45 -14.05 11.39
N GLY B 42 -6.13 -14.22 11.35
CA GLY B 42 -5.53 -15.52 11.16
C GLY B 42 -5.59 -16.06 9.75
N LYS B 43 -6.55 -15.62 8.94
CA LYS B 43 -6.70 -16.08 7.56
C LYS B 43 -5.83 -15.21 6.64
N GLY B 44 -6.06 -15.29 5.34
CA GLY B 44 -5.28 -14.55 4.36
C GLY B 44 -6.10 -13.62 3.49
N LEU B 45 -5.48 -13.11 2.44
CA LEU B 45 -5.88 -11.87 1.80
C LEU B 45 -6.99 -12.05 0.76
N GLU B 46 -7.91 -11.09 0.72
CA GLU B 46 -9.02 -11.07 -0.23
C GLU B 46 -9.13 -9.68 -0.84
N TRP B 47 -9.30 -9.62 -2.15
CA TRP B 47 -9.28 -8.34 -2.87
C TRP B 47 -10.72 -7.83 -2.98
N ILE B 48 -11.00 -6.71 -2.30
CA ILE B 48 -12.35 -6.14 -2.34
C ILE B 48 -12.60 -5.44 -3.66
N GLY B 49 -11.65 -4.63 -4.13
CA GLY B 49 -11.91 -3.96 -5.39
C GLY B 49 -10.98 -2.80 -5.65
N GLU B 50 -11.27 -2.09 -6.76
CA GLU B 50 -10.37 -1.09 -7.30
C GLU B 50 -11.12 0.12 -7.84
N ILE B 51 -10.38 1.23 -7.96
CA ILE B 51 -10.77 2.45 -8.63
C ILE B 51 -9.65 2.86 -9.60
N ASN B 52 -10.04 3.21 -10.80
CA ASN B 52 -9.10 3.57 -11.85
C ASN B 52 -8.85 5.06 -11.79
N PRO B 53 -7.83 5.58 -12.48
CA PRO B 53 -7.59 7.02 -12.42
C PRO B 53 -8.78 7.88 -12.82
N THR B 54 -9.67 7.44 -13.71
CA THR B 54 -10.77 8.34 -14.05
C THR B 54 -12.07 7.97 -13.34
N GLY B 55 -11.99 7.35 -12.17
CA GLY B 55 -13.14 7.17 -11.32
C GLY B 55 -13.81 5.82 -11.42
N SER B 56 -13.60 5.08 -12.52
CA SER B 56 -14.31 3.83 -12.77
C SER B 56 -13.95 2.79 -11.72
N THR B 57 -14.92 1.97 -11.30
CA THR B 57 -14.67 1.01 -10.23
C THR B 57 -14.85 -0.42 -10.71
N ASN B 58 -14.10 -1.31 -10.11
CA ASN B 58 -14.34 -2.73 -10.23
C ASN B 58 -14.44 -3.36 -8.86
N TYR B 59 -15.45 -4.20 -8.66
CA TYR B 59 -15.65 -4.80 -7.35
C TYR B 59 -15.58 -6.31 -7.45
N ASN B 60 -15.22 -6.92 -6.33
CA ASN B 60 -15.29 -8.36 -6.21
C ASN B 60 -16.76 -8.81 -6.10
N PRO B 61 -17.22 -9.76 -6.92
CA PRO B 61 -18.58 -10.29 -6.75
C PRO B 61 -18.81 -10.97 -5.43
N SER B 62 -17.77 -11.31 -4.68
CA SER B 62 -18.02 -11.91 -3.39
C SER B 62 -18.56 -10.91 -2.38
N LEU B 63 -18.59 -9.63 -2.72
CA LEU B 63 -19.19 -8.67 -1.83
C LEU B 63 -20.68 -8.48 -2.10
N ASN B 64 -21.21 -9.13 -3.14
CA ASN B 64 -22.65 -9.16 -3.42
C ASN B 64 -23.20 -7.75 -3.65
N SER B 65 -22.39 -6.91 -4.31
CA SER B 65 -22.76 -5.53 -4.62
C SER B 65 -23.15 -4.75 -3.37
N ARG B 66 -22.45 -5.00 -2.27
CA ARG B 66 -22.69 -4.27 -1.03
C ARG B 66 -21.45 -3.46 -0.63
N VAL B 67 -20.64 -3.11 -1.62
CA VAL B 67 -19.36 -2.45 -1.39
C VAL B 67 -19.25 -1.28 -2.35
N THR B 68 -18.66 -0.18 -1.88
CA THR B 68 -18.44 1.00 -2.69
C THR B 68 -17.07 1.59 -2.39
N ILE B 69 -16.29 1.84 -3.43
CA ILE B 69 -14.98 2.49 -3.32
C ILE B 69 -15.05 3.84 -4.02
N SER B 70 -14.37 4.84 -3.44
CA SER B 70 -14.48 6.19 -3.96
C SER B 70 -13.25 7.02 -3.63
N VAL B 71 -13.07 8.12 -4.36
CA VAL B 71 -11.98 9.06 -4.09
C VAL B 71 -12.55 10.48 -4.02
N ASP B 72 -12.34 11.16 -2.88
CA ASP B 72 -12.68 12.57 -2.65
C ASP B 72 -11.47 13.42 -3.02
N ARG B 73 -11.51 14.00 -4.22
CA ARG B 73 -10.38 14.75 -4.73
C ARG B 73 -10.17 16.03 -3.94
N SER B 74 -11.25 16.56 -3.33
CA SER B 74 -11.19 17.82 -2.59
C SER B 74 -10.33 17.71 -1.33
N LYS B 75 -10.35 16.55 -0.68
CA LYS B 75 -9.62 16.32 0.56
C LYS B 75 -8.55 15.23 0.47
N ASN B 76 -8.20 14.76 -0.73
CA ASN B 76 -7.21 13.68 -0.86
C ASN B 76 -7.61 12.43 -0.08
N HIS B 77 -8.83 11.94 -0.30
CA HIS B 77 -9.35 10.85 0.51
C HIS B 77 -9.75 9.65 -0.36
N LEU B 78 -9.47 8.45 0.14
CA LEU B 78 -9.91 7.18 -0.45
C LEU B 78 -10.84 6.50 0.52
N SER B 79 -12.04 6.14 0.07
CA SER B 79 -13.05 5.62 0.97
C SER B 79 -13.57 4.27 0.50
N LEU B 80 -13.99 3.50 1.50
CA LEU B 80 -14.57 2.17 1.35
C LEU B 80 -15.84 2.10 2.19
N LYS B 81 -16.93 1.66 1.55
CA LYS B 81 -18.23 1.53 2.16
C LYS B 81 -18.70 0.10 1.98
N LEU B 82 -19.32 -0.46 3.02
CA LEU B 82 -19.71 -1.86 2.99
C LEU B 82 -21.03 -1.98 3.76
N SER B 83 -22.14 -2.10 3.05
CA SER B 83 -23.44 -2.15 3.68
C SER B 83 -23.78 -3.56 4.16
N SER B 84 -24.81 -3.65 5.01
CA SER B 84 -25.38 -4.91 5.48
C SER B 84 -24.30 -5.82 6.09
N VAL B 85 -23.46 -5.21 6.94
CA VAL B 85 -22.30 -5.92 7.46
C VAL B 85 -22.73 -7.15 8.23
N THR B 86 -21.89 -8.18 8.17
CA THR B 86 -22.09 -9.40 8.90
C THR B 86 -20.84 -9.69 9.71
N ALA B 87 -21.00 -10.52 10.74
CA ALA B 87 -19.85 -10.88 11.56
C ALA B 87 -18.76 -11.53 10.73
N ALA B 88 -19.11 -12.11 9.58
CA ALA B 88 -18.11 -12.66 8.69
C ALA B 88 -17.13 -11.61 8.20
N ASP B 89 -17.52 -10.34 8.20
CA ASP B 89 -16.73 -9.26 7.61
C ASP B 89 -15.67 -8.70 8.57
N THR B 90 -15.42 -9.38 9.68
CA THR B 90 -14.47 -8.91 10.69
C THR B 90 -13.06 -9.16 10.19
N ALA B 91 -12.32 -8.09 9.91
CA ALA B 91 -11.05 -8.30 9.23
C ALA B 91 -10.20 -7.03 9.33
N VAL B 92 -8.93 -7.17 8.97
CA VAL B 92 -8.07 -6.02 8.81
C VAL B 92 -8.23 -5.50 7.39
N TYR B 93 -8.39 -4.19 7.25
CA TYR B 93 -8.61 -3.60 5.94
C TYR B 93 -7.40 -2.76 5.59
N PHE B 94 -6.96 -2.91 4.35
CA PHE B 94 -5.79 -2.27 3.79
C PHE B 94 -6.22 -1.47 2.57
N CYS B 95 -5.71 -0.25 2.47
CA CYS B 95 -5.70 0.52 1.24
C CYS B 95 -4.34 0.33 0.57
N ALA B 96 -4.34 0.09 -0.73
CA ALA B 96 -3.08 -0.06 -1.44
C ALA B 96 -3.14 0.68 -2.76
N ARG B 97 -1.97 1.09 -3.24
CA ARG B 97 -1.85 1.70 -4.55
C ARG B 97 -1.26 0.71 -5.55
N PHE B 98 -1.82 0.70 -6.76
CA PHE B 98 -1.31 -0.16 -7.82
C PHE B 98 0.08 0.31 -8.24
N LEU B 99 0.93 -0.65 -8.60
CA LEU B 99 2.24 -0.31 -9.15
C LEU B 99 2.03 0.44 -10.46
N PRO B 100 2.66 1.59 -10.66
CA PRO B 100 2.58 2.28 -11.95
C PRO B 100 3.02 1.40 -13.10
N PRO B 101 2.10 1.16 -14.04
CA PRO B 101 2.41 0.40 -15.24
C PRO B 101 3.55 1.00 -16.04
N ASP B 102 4.32 0.13 -16.67
CA ASP B 102 5.33 0.56 -17.61
C ASP B 102 4.66 0.92 -18.94
N TYR B 103 5.15 2.01 -19.54
CA TYR B 103 4.55 2.59 -20.73
C TYR B 103 5.61 2.77 -21.80
N ASP B 104 5.39 2.17 -22.95
CA ASP B 104 6.28 2.39 -24.07
C ASP B 104 5.79 3.61 -24.83
N LEU B 105 6.65 4.62 -24.95
CA LEU B 105 6.29 5.88 -25.58
C LEU B 105 5.96 5.73 -27.06
N LEU B 106 6.60 4.78 -27.75
CA LEU B 106 6.39 4.63 -29.19
C LEU B 106 5.12 3.83 -29.46
N THR B 107 4.99 2.67 -28.84
CA THR B 107 3.80 1.85 -29.02
C THR B 107 2.59 2.44 -28.31
N ASP B 108 2.81 3.38 -27.38
CA ASP B 108 1.73 3.95 -26.56
C ASP B 108 0.91 2.85 -25.90
N TYR B 109 1.59 1.82 -25.40
CA TYR B 109 0.90 0.67 -24.83
C TYR B 109 1.57 0.29 -23.51
N PHE B 110 0.81 -0.39 -22.66
CA PHE B 110 1.25 -0.72 -21.31
C PHE B 110 0.45 -1.92 -20.81
N ASP B 111 1.00 -2.60 -19.81
CA ASP B 111 0.17 -3.60 -19.16
C ASP B 111 -0.77 -2.94 -18.17
N PRO B 112 -2.07 -3.19 -18.24
CA PRO B 112 -2.99 -2.82 -17.15
C PRO B 112 -2.52 -3.36 -15.80
N PRO B 113 -2.58 -2.53 -14.76
CA PRO B 113 -1.89 -2.86 -13.50
C PRO B 113 -2.69 -3.80 -12.62
N GLY B 114 -1.95 -4.58 -11.83
CA GLY B 114 -2.52 -5.36 -10.76
C GLY B 114 -1.67 -5.63 -9.52
N ALA B 115 -0.50 -5.00 -9.41
CA ALA B 115 0.38 -5.19 -8.27
C ALA B 115 0.28 -3.98 -7.37
N PHE B 116 0.28 -4.22 -6.05
CA PHE B 116 0.15 -3.18 -5.04
C PHE B 116 1.51 -2.87 -4.43
N ASP B 117 2.02 -1.66 -4.66
CA ASP B 117 3.36 -1.34 -4.19
C ASP B 117 3.40 -0.54 -2.90
N ILE B 118 2.53 0.48 -2.70
CA ILE B 118 2.35 1.13 -1.40
C ILE B 118 1.11 0.58 -0.70
N TRP B 119 1.26 0.19 0.56
CA TRP B 119 0.20 -0.36 1.38
C TRP B 119 0.03 0.49 2.63
N GLY B 120 -1.20 0.80 2.99
CA GLY B 120 -1.45 1.40 4.29
C GLY B 120 -1.32 0.39 5.39
N GLN B 121 -0.96 0.86 6.59
CA GLN B 121 -0.67 -0.07 7.69
C GLN B 121 -1.85 -0.98 8.02
N GLY B 122 -3.05 -0.66 7.56
CA GLY B 122 -4.21 -1.52 7.83
C GLY B 122 -4.86 -1.20 9.15
N THR B 123 -6.16 -1.50 9.23
CA THR B 123 -6.94 -1.14 10.41
C THR B 123 -8.05 -2.17 10.61
N MET B 124 -8.34 -2.45 11.89
CA MET B 124 -9.22 -3.54 12.24
C MET B 124 -10.69 -3.14 12.19
N VAL B 125 -11.54 -4.02 11.67
CA VAL B 125 -12.98 -3.84 11.75
C VAL B 125 -13.56 -5.09 12.39
N THR B 126 -13.91 -4.97 13.67
CA THR B 126 -14.63 -5.97 14.43
C THR B 126 -16.13 -5.73 14.34
N VAL B 127 -16.87 -6.77 14.00
CA VAL B 127 -18.32 -6.68 13.76
C VAL B 127 -18.93 -7.83 14.54
N SER B 128 -19.51 -7.53 15.68
CA SER B 128 -20.24 -8.54 16.44
C SER B 128 -21.55 -7.97 16.96
N SER B 129 -22.58 -8.80 16.93
CA SER B 129 -23.89 -8.47 17.49
C SER B 129 -23.88 -8.75 18.98
N ALA B 130 -23.01 -8.04 19.69
CA ALA B 130 -22.91 -8.18 21.12
C ALA B 130 -22.82 -6.81 21.74
N SER B 131 -23.31 -6.68 22.96
CA SER B 131 -23.13 -5.44 23.69
C SER B 131 -21.80 -5.45 24.40
N THR B 132 -21.19 -4.27 24.46
CA THR B 132 -19.88 -4.21 25.05
C THR B 132 -19.93 -4.73 26.48
N LYS B 133 -19.03 -5.66 26.79
CA LYS B 133 -19.05 -6.38 28.06
C LYS B 133 -17.63 -6.39 28.62
N GLY B 134 -17.49 -6.84 29.86
CA GLY B 134 -16.24 -6.79 30.56
C GLY B 134 -15.71 -8.14 30.99
N PRO B 135 -14.43 -8.19 31.37
CA PRO B 135 -13.79 -9.47 31.66
C PRO B 135 -14.46 -10.16 32.82
N SER B 136 -14.39 -11.48 32.80
CA SER B 136 -14.84 -12.32 33.92
C SER B 136 -13.67 -13.26 34.21
N VAL B 137 -12.73 -12.79 35.05
CA VAL B 137 -11.47 -13.49 35.28
C VAL B 137 -11.65 -14.61 36.30
N PHE B 138 -10.99 -15.74 36.04
CA PHE B 138 -11.02 -16.94 36.87
C PHE B 138 -9.59 -17.40 37.12
N PRO B 139 -9.37 -18.16 38.20
CA PRO B 139 -8.06 -18.75 38.45
C PRO B 139 -7.73 -19.97 37.59
N SER B 148 4.10 -29.79 43.23
CA SER B 148 4.19 -30.78 42.17
C SER B 148 5.31 -30.46 41.18
N GLY B 149 5.96 -31.51 40.65
CA GLY B 149 7.03 -31.33 39.67
C GLY B 149 8.21 -30.57 40.23
N GLY B 150 8.71 -29.60 39.45
CA GLY B 150 9.82 -28.78 39.89
C GLY B 150 10.08 -27.62 38.95
N LEU B 154 -0.29 -21.83 36.79
CA LEU B 154 -1.35 -20.88 37.14
C LEU B 154 -1.48 -19.81 36.09
N GLY B 155 -2.69 -19.28 35.95
CA GLY B 155 -2.94 -18.27 34.92
C GLY B 155 -4.26 -17.53 35.12
N CYS B 156 -4.42 -16.47 34.31
CA CYS B 156 -5.66 -15.71 34.25
C CYS B 156 -6.42 -16.05 32.98
N LEU B 157 -7.60 -16.64 33.17
CA LEU B 157 -8.54 -17.00 32.10
C LEU B 157 -9.59 -15.91 32.05
N VAL B 158 -9.25 -14.83 31.37
CA VAL B 158 -10.17 -13.74 31.17
C VAL B 158 -11.23 -14.14 30.16
N LYS B 159 -12.50 -13.81 30.43
CA LYS B 159 -13.57 -14.39 29.64
C LYS B 159 -14.68 -13.38 29.38
N ASP B 160 -15.39 -13.61 28.28
CA ASP B 160 -16.57 -12.84 27.85
C ASP B 160 -16.30 -11.34 27.73
N TYR B 161 -15.28 -10.98 26.96
CA TYR B 161 -15.20 -9.58 26.59
C TYR B 161 -16.15 -9.30 25.44
N PHE B 162 -16.56 -8.06 25.32
CA PHE B 162 -16.95 -7.65 23.99
C PHE B 162 -15.82 -7.03 23.15
N PRO B 163 -15.08 -6.04 23.67
CA PRO B 163 -14.03 -5.41 22.85
C PRO B 163 -12.72 -6.17 22.91
N GLU B 164 -12.13 -6.40 21.74
CA GLU B 164 -10.91 -7.20 21.68
C GLU B 164 -9.70 -6.60 22.38
N PRO B 165 -9.45 -5.27 22.37
CA PRO B 165 -8.22 -4.78 23.01
C PRO B 165 -8.19 -5.00 24.52
N VAL B 166 -7.27 -5.87 24.98
CA VAL B 166 -7.16 -6.24 26.39
C VAL B 166 -5.69 -6.52 26.70
N THR B 167 -5.32 -6.37 27.98
CA THR B 167 -3.96 -6.59 28.44
C THR B 167 -4.02 -7.40 29.72
N VAL B 168 -2.94 -8.13 30.01
CA VAL B 168 -2.83 -8.90 31.26
C VAL B 168 -1.42 -8.71 31.82
N SER B 169 -1.34 -8.41 33.12
CA SER B 169 -0.06 -8.13 33.76
C SER B 169 0.03 -8.83 35.09
N TRP B 170 0.90 -9.83 35.20
CA TRP B 170 1.10 -10.53 36.45
C TRP B 170 2.06 -9.75 37.34
N ASN B 171 1.64 -9.49 38.57
CA ASN B 171 2.42 -8.68 39.52
C ASN B 171 2.90 -7.39 38.85
N SER B 172 2.02 -6.81 38.03
CA SER B 172 2.23 -5.54 37.31
C SER B 172 3.42 -5.70 36.37
N GLY B 173 4.49 -4.92 36.50
CA GLY B 173 5.63 -4.99 35.60
C GLY B 173 6.68 -5.99 36.04
N ALA B 174 6.28 -6.93 36.89
CA ALA B 174 7.13 -8.02 37.31
C ALA B 174 7.00 -9.24 36.42
N LEU B 175 6.24 -9.14 35.33
CA LEU B 175 6.23 -10.18 34.30
C LEU B 175 7.37 -9.97 33.29
N THR B 176 8.59 -9.80 33.80
CA THR B 176 9.63 -9.11 33.02
C THR B 176 10.16 -9.95 31.85
N SER B 177 10.32 -11.26 32.01
CA SER B 177 10.79 -12.09 30.90
C SER B 177 10.63 -13.56 31.25
N GLY B 178 10.81 -14.41 30.23
CA GLY B 178 10.42 -15.81 30.35
C GLY B 178 8.93 -16.00 30.41
N VAL B 179 8.16 -14.99 29.99
CA VAL B 179 6.70 -14.98 30.09
C VAL B 179 6.12 -15.17 28.71
N HIS B 180 4.99 -15.86 28.64
CA HIS B 180 4.26 -16.01 27.39
C HIS B 180 2.81 -15.55 27.60
N THR B 181 2.33 -14.76 26.64
CA THR B 181 0.96 -14.25 26.61
C THR B 181 0.26 -14.77 25.36
N PHE B 182 -1.06 -15.29 25.52
CA PHE B 182 -1.66 -16.00 24.38
C PHE B 182 -2.66 -15.13 23.64
N PRO B 183 -2.83 -15.39 22.34
CA PRO B 183 -3.90 -14.71 21.61
C PRO B 183 -5.28 -15.02 22.18
N ALA B 184 -6.16 -14.03 22.05
CA ALA B 184 -7.54 -14.22 22.47
C ALA B 184 -8.25 -15.16 21.51
N VAL B 185 -9.52 -15.40 21.79
CA VAL B 185 -10.37 -16.30 21.02
C VAL B 185 -11.86 -16.02 21.24
N LEU B 186 -12.63 -15.94 20.15
CA LEU B 186 -14.08 -15.79 20.24
C LEU B 186 -14.75 -17.10 20.65
N GLN B 187 -16.06 -17.04 20.86
CA GLN B 187 -16.84 -18.22 21.21
C GLN B 187 -18.31 -17.95 20.92
N SER B 188 -19.07 -19.04 20.75
CA SER B 188 -20.45 -18.91 20.26
C SER B 188 -21.31 -18.02 21.15
N SER B 189 -20.81 -17.59 22.31
CA SER B 189 -21.47 -16.50 23.02
C SER B 189 -21.32 -15.17 22.29
N GLY B 190 -20.47 -15.10 21.25
CA GLY B 190 -20.13 -13.85 20.59
C GLY B 190 -19.10 -13.02 21.34
N LEU B 191 -18.60 -13.54 22.45
CA LEU B 191 -17.78 -12.80 23.39
C LEU B 191 -16.39 -13.39 23.39
N TYR B 192 -15.39 -12.54 23.61
CA TYR B 192 -14.00 -12.97 23.49
C TYR B 192 -13.52 -13.58 24.79
N SER B 193 -12.55 -14.49 24.69
CA SER B 193 -11.86 -15.04 25.84
C SER B 193 -10.38 -15.11 25.54
N LEU B 194 -9.58 -15.19 26.61
CA LEU B 194 -8.14 -15.11 26.47
C LEU B 194 -7.51 -15.70 27.71
N SER B 195 -6.26 -16.10 27.55
CA SER B 195 -5.53 -16.74 28.63
C SER B 195 -4.11 -16.20 28.66
N SER B 196 -3.68 -15.75 29.82
CA SER B 196 -2.27 -15.41 30.00
C SER B 196 -1.71 -16.19 31.17
N VAL B 197 -0.52 -16.76 30.97
CA VAL B 197 -0.02 -17.81 31.83
C VAL B 197 1.36 -17.47 32.37
N VAL B 198 1.63 -18.08 33.52
CA VAL B 198 2.76 -17.77 34.39
C VAL B 198 3.66 -18.98 34.46
N THR B 199 4.90 -18.83 33.99
CA THR B 199 5.89 -19.89 34.05
C THR B 199 6.38 -20.12 35.48
N TYR B 210 0.14 -15.69 42.07
CA TYR B 210 -0.04 -14.36 42.64
C TYR B 210 -1.33 -13.76 42.11
N ILE B 211 -1.24 -12.58 41.50
CA ILE B 211 -2.40 -11.88 40.97
C ILE B 211 -2.03 -11.17 39.68
N CYS B 212 -3.01 -11.07 38.77
CA CYS B 212 -2.84 -10.37 37.51
C CYS B 212 -3.76 -9.15 37.49
N ASN B 213 -3.35 -8.13 36.72
CA ASN B 213 -4.07 -6.88 36.53
C ASN B 213 -4.29 -6.72 35.03
N VAL B 214 -5.54 -6.72 34.61
CA VAL B 214 -5.90 -6.61 33.21
C VAL B 214 -6.03 -5.13 32.84
N ASN B 215 -5.98 -4.83 31.54
CA ASN B 215 -6.14 -3.47 31.02
C ASN B 215 -7.22 -3.43 29.96
N HIS B 216 -8.38 -3.97 30.27
CA HIS B 216 -9.47 -3.89 29.32
C HIS B 216 -9.93 -2.43 29.28
N LYS B 217 -9.12 -1.58 28.63
CA LYS B 217 -9.39 -0.15 28.56
C LYS B 217 -10.78 0.19 28.02
N PRO B 218 -11.28 -0.44 26.94
CA PRO B 218 -12.64 -0.09 26.50
C PRO B 218 -13.68 -0.26 27.59
N SER B 219 -13.58 -1.29 28.42
CA SER B 219 -14.61 -1.55 29.40
C SER B 219 -14.52 -0.68 30.65
N ASN B 220 -13.43 0.07 30.83
CA ASN B 220 -13.08 0.71 32.10
C ASN B 220 -12.92 -0.32 33.21
N THR B 221 -12.95 -1.61 32.89
CA THR B 221 -12.81 -2.69 33.85
C THR B 221 -11.34 -3.09 33.88
N LYS B 222 -10.75 -3.09 35.07
CA LYS B 222 -9.37 -3.50 35.23
C LYS B 222 -9.18 -4.33 36.49
N ASP C 1 -13.81 -18.18 -10.22
CA ASP C 1 -12.69 -17.26 -10.28
C ASP C 1 -11.40 -18.03 -10.26
N ILE C 2 -10.27 -17.40 -10.61
CA ILE C 2 -9.05 -18.16 -10.69
C ILE C 2 -8.59 -18.48 -9.27
N HIS C 3 -8.45 -19.77 -8.97
CA HIS C 3 -8.07 -20.26 -7.65
C HIS C 3 -6.56 -20.35 -7.57
N MET C 4 -5.97 -19.77 -6.53
CA MET C 4 -4.54 -19.76 -6.36
C MET C 4 -4.20 -20.64 -5.18
N THR C 5 -3.28 -21.59 -5.39
CA THR C 5 -2.78 -22.45 -4.33
C THR C 5 -1.28 -22.29 -4.20
N GLN C 6 -0.74 -22.66 -3.03
CA GLN C 6 0.69 -22.54 -2.73
C GLN C 6 1.20 -23.83 -2.08
N SER C 7 2.46 -24.20 -2.37
CA SER C 7 3.20 -25.27 -1.62
C SER C 7 4.63 -24.88 -1.29
N PRO C 8 5.07 -25.11 -0.04
CA PRO C 8 4.32 -25.67 1.09
C PRO C 8 3.51 -24.64 1.91
N PHE C 9 2.60 -25.13 2.76
CA PHE C 9 1.93 -24.25 3.73
C PHE C 9 2.92 -23.68 4.73
N SER C 10 3.83 -24.52 5.22
CA SER C 10 4.78 -24.12 6.25
C SER C 10 6.14 -24.70 5.89
N LEU C 11 7.15 -23.85 5.90
CA LEU C 11 8.53 -24.22 5.67
C LEU C 11 9.34 -23.75 6.86
N SER C 12 10.23 -24.61 7.35
CA SER C 12 11.14 -24.27 8.43
C SER C 12 12.55 -24.19 7.88
N ALA C 13 13.13 -22.99 7.90
CA ALA C 13 14.46 -22.76 7.35
C ALA C 13 15.36 -22.14 8.39
N SER C 14 16.63 -21.97 7.99
CA SER C 14 17.66 -21.27 8.75
C SER C 14 18.43 -20.34 7.80
N VAL C 15 19.22 -19.42 8.37
CA VAL C 15 19.95 -18.46 7.55
C VAL C 15 20.94 -19.17 6.65
N GLY C 16 21.05 -18.67 5.41
CA GLY C 16 21.93 -19.26 4.42
C GLY C 16 21.27 -20.30 3.53
N ASP C 17 20.07 -20.77 3.90
CA ASP C 17 19.32 -21.72 3.09
C ASP C 17 18.75 -21.07 1.85
N ARG C 18 18.74 -21.81 0.73
CA ARG C 18 18.01 -21.40 -0.45
C ARG C 18 16.60 -21.94 -0.31
N VAL C 19 15.62 -21.07 -0.26
CA VAL C 19 14.24 -21.49 -0.12
C VAL C 19 13.57 -21.27 -1.45
N THR C 20 12.75 -22.24 -1.83
CA THR C 20 12.02 -22.21 -3.09
C THR C 20 10.61 -22.64 -2.76
N ILE C 21 9.66 -21.77 -3.07
CA ILE C 21 8.25 -22.09 -2.87
C ILE C 21 7.49 -21.85 -4.16
N THR C 22 6.44 -22.64 -4.37
CA THR C 22 5.71 -22.61 -5.62
C THR C 22 4.27 -22.15 -5.40
N CYS C 23 3.76 -21.44 -6.40
CA CYS C 23 2.38 -21.01 -6.52
C CYS C 23 1.81 -21.65 -7.77
N ARG C 24 0.54 -22.04 -7.72
CA ARG C 24 -0.11 -22.65 -8.86
C ARG C 24 -1.48 -22.02 -9.04
N ALA C 25 -2.02 -22.12 -10.25
CA ALA C 25 -3.21 -21.38 -10.66
C ALA C 25 -4.18 -22.31 -11.36
N SER C 26 -5.49 -22.13 -11.09
CA SER C 26 -6.51 -22.99 -11.68
C SER C 26 -6.57 -22.87 -13.20
N GLN C 27 -6.04 -21.78 -13.74
CA GLN C 27 -6.12 -21.39 -15.15
C GLN C 27 -4.90 -20.55 -15.49
N SER C 28 -4.48 -20.59 -16.76
CA SER C 28 -3.28 -19.87 -17.17
C SER C 28 -3.41 -18.39 -16.89
N ILE C 29 -2.50 -17.87 -16.08
CA ILE C 29 -2.45 -16.45 -15.76
C ILE C 29 -1.28 -15.76 -16.46
N SER C 30 -0.70 -16.39 -17.47
CA SER C 30 0.44 -15.86 -18.22
C SER C 30 1.62 -15.47 -17.30
N GLY C 31 2.04 -14.20 -17.33
CA GLY C 31 3.07 -13.72 -16.43
C GLY C 31 2.55 -12.87 -15.30
N TRP C 32 1.23 -12.70 -15.18
CA TRP C 32 0.63 -11.68 -14.33
C TRP C 32 0.57 -12.18 -12.88
N LEU C 33 1.74 -12.41 -12.32
CA LEU C 33 1.85 -12.90 -10.95
C LEU C 33 2.75 -11.99 -10.14
N ALA C 34 2.31 -11.66 -8.93
CA ALA C 34 3.09 -10.89 -7.97
C ALA C 34 3.33 -11.71 -6.72
N TRP C 35 4.45 -11.43 -6.06
CA TRP C 35 4.82 -12.06 -4.79
C TRP C 35 5.01 -10.99 -3.72
N TYR C 36 4.44 -11.24 -2.55
CA TYR C 36 4.46 -10.35 -1.39
C TYR C 36 4.98 -11.05 -0.13
N GLN C 37 5.52 -10.24 0.77
CA GLN C 37 5.97 -10.69 2.08
C GLN C 37 5.11 -9.97 3.11
N GLN C 38 4.66 -10.68 4.15
CA GLN C 38 3.95 -10.03 5.25
C GLN C 38 4.48 -10.57 6.56
N LYS C 39 4.96 -9.68 7.41
CA LYS C 39 5.31 -10.05 8.77
C LYS C 39 4.18 -9.67 9.71
N VAL C 40 4.14 -10.38 10.85
CA VAL C 40 2.95 -10.35 11.68
C VAL C 40 2.68 -8.94 12.16
N GLY C 41 1.42 -8.55 12.13
CA GLY C 41 0.99 -7.24 12.55
C GLY C 41 1.34 -6.13 11.60
N ASN C 42 1.89 -6.45 10.43
CA ASN C 42 2.34 -5.42 9.52
C ASN C 42 1.67 -5.66 8.18
N ALA C 43 1.86 -4.74 7.27
CA ALA C 43 1.18 -4.85 5.99
C ALA C 43 2.00 -5.66 5.00
N PRO C 44 1.38 -6.15 3.93
CA PRO C 44 2.13 -6.87 2.90
C PRO C 44 3.10 -5.96 2.16
N LYS C 45 4.24 -6.55 1.76
CA LYS C 45 5.25 -5.86 0.98
C LYS C 45 5.42 -6.54 -0.36
N LEU C 46 5.38 -5.77 -1.43
CA LEU C 46 5.64 -6.30 -2.77
C LEU C 46 7.10 -6.65 -2.97
N LEU C 47 7.34 -7.86 -3.49
CA LEU C 47 8.67 -8.35 -3.81
C LEU C 47 8.85 -8.53 -5.31
N ILE C 48 7.89 -9.16 -5.97
CA ILE C 48 8.03 -9.49 -7.38
C ILE C 48 6.75 -9.10 -8.11
N TYR C 49 6.89 -8.61 -9.35
CA TYR C 49 5.79 -8.42 -10.30
C TYR C 49 6.22 -8.98 -11.66
N LYS C 50 5.22 -9.34 -12.49
CA LYS C 50 5.43 -9.99 -13.80
C LYS C 50 6.21 -11.29 -13.66
N ALA C 51 6.20 -11.84 -12.46
CA ALA C 51 6.66 -13.17 -12.09
C ALA C 51 8.18 -13.30 -12.09
N SER C 52 8.90 -12.31 -12.65
CA SER C 52 10.35 -12.25 -12.65
C SER C 52 10.90 -10.89 -12.21
N SER C 53 10.13 -9.82 -12.36
CA SER C 53 10.60 -8.47 -12.11
C SER C 53 10.55 -8.21 -10.62
N LEU C 54 11.60 -7.56 -10.11
CA LEU C 54 11.80 -7.37 -8.69
C LEU C 54 11.53 -5.90 -8.37
N GLU C 55 10.67 -5.65 -7.40
CA GLU C 55 10.37 -4.26 -7.04
C GLU C 55 11.57 -3.64 -6.32
N SER C 56 11.66 -2.31 -6.40
CA SER C 56 12.82 -1.58 -5.89
C SER C 56 12.91 -1.68 -4.37
N GLY C 57 14.14 -1.73 -3.87
CA GLY C 57 14.40 -1.83 -2.46
C GLY C 57 14.36 -3.22 -1.87
N VAL C 58 13.91 -4.22 -2.63
CA VAL C 58 13.98 -5.59 -2.12
C VAL C 58 15.27 -6.16 -2.66
N PRO C 59 15.95 -7.03 -1.91
CA PRO C 59 17.29 -7.48 -2.32
C PRO C 59 17.23 -8.50 -3.44
N SER C 60 18.42 -8.82 -3.96
CA SER C 60 18.61 -9.83 -5.00
C SER C 60 18.49 -11.26 -4.48
N ARG C 61 18.45 -11.47 -3.16
CA ARG C 61 18.19 -12.80 -2.63
C ARG C 61 16.93 -13.37 -3.24
N PHE C 62 15.96 -12.48 -3.52
CA PHE C 62 14.64 -12.83 -4.01
C PHE C 62 14.64 -12.92 -5.53
N SER C 63 14.16 -14.05 -6.03
CA SER C 63 14.09 -14.37 -7.44
C SER C 63 12.70 -14.89 -7.73
N GLY C 64 12.19 -14.57 -8.92
CA GLY C 64 10.91 -15.12 -9.35
C GLY C 64 11.03 -15.72 -10.73
N SER C 65 10.50 -16.94 -10.87
CA SER C 65 10.40 -17.59 -12.18
C SER C 65 9.06 -18.27 -12.32
N GLY C 66 8.49 -18.27 -13.53
CA GLY C 66 7.30 -19.07 -13.77
C GLY C 66 6.42 -18.53 -14.89
N SER C 67 5.39 -19.31 -15.19
CA SER C 67 4.47 -19.00 -16.29
C SER C 67 3.27 -19.95 -16.25
N GLY C 68 2.20 -19.52 -16.93
CA GLY C 68 1.00 -20.30 -17.05
C GLY C 68 0.37 -20.66 -15.72
N THR C 69 0.48 -21.95 -15.35
CA THR C 69 -0.12 -22.47 -14.13
C THR C 69 0.85 -22.59 -12.94
N GLU C 70 2.17 -22.39 -13.11
CA GLU C 70 3.10 -22.70 -12.02
C GLU C 70 4.21 -21.65 -11.97
N PHE C 71 4.48 -21.16 -10.75
CA PHE C 71 5.42 -20.07 -10.49
C PHE C 71 6.15 -20.36 -9.19
N THR C 72 7.23 -19.62 -8.96
CA THR C 72 8.15 -20.01 -7.93
C THR C 72 8.96 -18.80 -7.51
N LEU C 73 9.10 -18.66 -6.19
CA LEU C 73 9.87 -17.60 -5.54
C LEU C 73 11.00 -18.23 -4.76
N SER C 74 12.16 -17.59 -4.79
CA SER C 74 13.34 -18.19 -4.20
C SER C 74 14.18 -17.13 -3.48
N ILE C 75 14.71 -17.52 -2.33
CA ILE C 75 15.72 -16.75 -1.61
C ILE C 75 17.03 -17.53 -1.71
N SER C 76 18.05 -16.90 -2.28
CA SER C 76 19.34 -17.57 -2.48
C SER C 76 20.03 -17.83 -1.14
N SER C 77 20.05 -16.83 -0.26
CA SER C 77 20.58 -16.99 1.09
C SER C 77 19.61 -16.33 2.05
N LEU C 78 18.80 -17.13 2.73
CA LEU C 78 17.87 -16.55 3.69
C LEU C 78 18.65 -15.78 4.75
N GLN C 79 18.10 -14.67 5.20
CA GLN C 79 18.66 -13.81 6.23
C GLN C 79 17.56 -13.59 7.26
N PRO C 80 17.89 -13.15 8.48
CA PRO C 80 16.85 -13.08 9.53
C PRO C 80 15.69 -12.17 9.18
N ASP C 81 15.88 -11.28 8.23
CA ASP C 81 14.87 -10.36 7.75
C ASP C 81 13.84 -11.06 6.84
N ASP C 82 14.03 -12.35 6.57
CA ASP C 82 13.24 -13.02 5.54
C ASP C 82 12.19 -13.96 6.11
N PHE C 83 12.01 -13.98 7.43
CA PHE C 83 10.99 -14.85 8.02
C PHE C 83 9.67 -14.10 8.03
N ALA C 84 8.74 -14.56 7.20
CA ALA C 84 7.40 -13.98 7.14
C ALA C 84 6.47 -14.98 6.51
N THR C 85 5.23 -14.56 6.26
CA THR C 85 4.34 -15.32 5.39
C THR C 85 4.37 -14.72 3.99
N TYR C 86 4.57 -15.57 2.99
CA TYR C 86 4.75 -15.13 1.62
C TYR C 86 3.52 -15.48 0.80
N TYR C 87 2.97 -14.48 0.08
CA TYR C 87 1.73 -14.63 -0.68
C TYR C 87 1.94 -14.42 -2.19
N CYS C 88 1.16 -15.14 -3.01
CA CYS C 88 1.11 -14.89 -4.45
C CYS C 88 -0.24 -14.30 -4.86
N GLN C 89 -0.19 -13.47 -5.91
CA GLN C 89 -1.39 -12.84 -6.45
C GLN C 89 -1.37 -12.81 -7.98
N GLN C 90 -2.44 -13.29 -8.60
CA GLN C 90 -2.61 -13.09 -10.03
C GLN C 90 -3.18 -11.71 -10.30
N TYR C 91 -2.70 -11.07 -11.36
CA TYR C 91 -3.45 -9.93 -11.88
C TYR C 91 -3.85 -10.20 -13.32
N ASN C 92 -4.10 -11.48 -13.65
CA ASN C 92 -4.59 -11.82 -14.98
C ASN C 92 -6.09 -11.53 -15.13
N SER C 93 -6.91 -11.83 -14.13
CA SER C 93 -8.35 -11.69 -14.27
C SER C 93 -8.99 -11.14 -13.01
N TYR C 94 -10.13 -10.46 -13.20
CA TYR C 94 -10.91 -10.00 -12.05
C TYR C 94 -11.93 -11.06 -11.66
N PRO C 95 -12.08 -11.39 -10.39
CA PRO C 95 -11.50 -10.81 -9.17
C PRO C 95 -10.02 -11.14 -9.02
N PHE C 96 -9.21 -10.17 -8.64
CA PHE C 96 -7.82 -10.46 -8.32
C PHE C 96 -7.80 -11.36 -7.09
N THR C 97 -7.11 -12.50 -7.20
CA THR C 97 -7.13 -13.51 -6.15
C THR C 97 -5.73 -13.77 -5.59
N PHE C 98 -5.68 -14.14 -4.31
CA PHE C 98 -4.46 -14.36 -3.57
C PHE C 98 -4.30 -15.82 -3.20
N GLY C 99 -3.04 -16.24 -3.03
CA GLY C 99 -2.76 -17.58 -2.55
C GLY C 99 -2.84 -17.60 -1.04
N PRO C 100 -3.06 -18.77 -0.45
CA PRO C 100 -3.28 -18.86 1.01
C PRO C 100 -2.05 -18.59 1.87
N GLY C 101 -0.89 -18.41 1.26
CA GLY C 101 0.30 -18.05 2.01
C GLY C 101 1.18 -19.24 2.33
N THR C 102 2.49 -18.97 2.41
CA THR C 102 3.48 -19.93 2.89
C THR C 102 4.26 -19.26 4.02
N LYS C 103 4.25 -19.87 5.20
CA LYS C 103 5.00 -19.32 6.33
C LYS C 103 6.38 -19.96 6.41
N VAL C 104 7.43 -19.14 6.40
CA VAL C 104 8.79 -19.61 6.66
C VAL C 104 9.19 -19.18 8.06
N ASP C 105 9.63 -20.15 8.86
CA ASP C 105 9.91 -19.98 10.27
C ASP C 105 11.34 -20.39 10.60
N MET C 106 11.78 -20.02 11.80
CA MET C 106 13.12 -20.37 12.28
C MET C 106 13.22 -21.86 12.57
N LYS C 107 14.39 -22.45 12.31
CA LYS C 107 14.62 -23.86 12.55
C LYS C 107 15.46 -24.04 13.80
N ARG C 108 14.97 -24.87 14.74
CA ARG C 108 15.72 -25.25 15.92
C ARG C 108 15.53 -26.74 16.15
N THR C 109 16.34 -27.30 17.05
CA THR C 109 16.21 -28.69 17.45
C THR C 109 14.81 -28.98 17.94
N VAL C 110 14.30 -30.16 17.60
CA VAL C 110 12.98 -30.57 18.04
C VAL C 110 12.97 -30.57 19.56
N ALA C 111 11.97 -29.91 20.16
CA ALA C 111 11.79 -29.89 21.60
C ALA C 111 10.32 -30.15 21.93
N ALA C 112 10.07 -30.58 23.15
CA ALA C 112 8.77 -31.12 23.50
C ALA C 112 8.10 -30.25 24.54
N PRO C 113 6.77 -30.29 24.61
CA PRO C 113 6.05 -29.37 25.49
C PRO C 113 6.22 -29.74 26.95
N SER C 114 6.19 -28.71 27.79
CA SER C 114 6.08 -28.88 29.24
C SER C 114 4.60 -28.77 29.60
N VAL C 115 3.88 -29.89 29.48
CA VAL C 115 2.42 -29.86 29.55
C VAL C 115 1.95 -29.63 30.98
N PHE C 116 0.98 -28.73 31.15
CA PHE C 116 0.35 -28.47 32.44
C PHE C 116 -1.14 -28.31 32.25
N ILE C 117 -1.92 -28.80 33.21
CA ILE C 117 -3.38 -28.79 33.11
C ILE C 117 -3.94 -27.95 34.27
N PHE C 118 -5.04 -27.23 34.01
CA PHE C 118 -5.62 -26.32 35.00
C PHE C 118 -7.14 -26.44 35.10
N PRO C 119 -7.68 -26.54 36.31
CA PRO C 119 -9.07 -26.98 36.50
C PRO C 119 -10.03 -25.80 36.64
N PRO C 120 -11.34 -26.03 36.54
CA PRO C 120 -12.29 -24.91 36.60
C PRO C 120 -12.40 -24.36 38.01
N SER C 121 -12.51 -23.03 38.09
CA SER C 121 -12.74 -22.39 39.38
C SER C 121 -14.14 -22.73 39.88
N ASP C 122 -14.26 -22.89 41.20
CA ASP C 122 -15.58 -23.10 41.78
C ASP C 122 -16.50 -21.94 41.49
N GLU C 123 -15.97 -20.71 41.49
CA GLU C 123 -16.78 -19.53 41.18
C GLU C 123 -17.44 -19.68 39.81
N GLN C 124 -16.74 -20.36 38.90
CA GLN C 124 -17.21 -20.51 37.53
C GLN C 124 -18.46 -21.38 37.46
N LEU C 125 -18.36 -22.63 37.89
CA LEU C 125 -19.55 -23.49 37.98
C LEU C 125 -20.64 -22.80 38.80
N LYS C 126 -20.27 -22.16 39.91
CA LYS C 126 -21.23 -21.40 40.72
C LYS C 126 -21.90 -20.30 39.90
N SER C 127 -21.12 -19.56 39.12
CA SER C 127 -21.66 -18.53 38.25
C SER C 127 -22.25 -19.13 36.98
N THR C 129 -20.67 -22.53 34.84
CA THR C 129 -20.10 -23.05 33.61
C THR C 129 -18.90 -23.92 33.92
N ALA C 130 -18.64 -24.89 33.06
CA ALA C 130 -17.47 -25.74 33.19
C ALA C 130 -16.50 -25.42 32.07
N SER C 131 -15.26 -25.12 32.44
CA SER C 131 -14.19 -24.88 31.48
C SER C 131 -12.86 -25.36 32.05
N VAL C 132 -12.09 -26.04 31.20
CA VAL C 132 -10.85 -26.72 31.58
C VAL C 132 -9.73 -26.29 30.65
N VAL C 133 -8.54 -26.06 31.17
CA VAL C 133 -7.46 -25.53 30.35
C VAL C 133 -6.30 -26.52 30.29
N CYS C 134 -5.71 -26.64 29.10
CA CYS C 134 -4.55 -27.47 28.83
C CYS C 134 -3.46 -26.61 28.21
N LEU C 135 -2.21 -26.89 28.58
CA LEU C 135 -1.11 -25.99 28.31
C LEU C 135 0.11 -26.74 27.77
N LEU C 136 0.66 -26.23 26.67
CA LEU C 136 1.86 -26.77 26.04
C LEU C 136 2.86 -25.65 25.87
N ASN C 137 4.07 -25.81 26.40
CA ASN C 137 5.04 -24.71 26.43
C ASN C 137 6.36 -25.08 25.79
N ASN C 138 6.93 -24.10 25.09
CA ASN C 138 8.30 -24.17 24.59
C ASN C 138 8.51 -25.40 23.72
N PHE C 139 7.59 -25.64 22.79
CA PHE C 139 7.65 -26.80 21.91
C PHE C 139 7.95 -26.36 20.50
N TYR C 140 8.88 -27.07 19.85
CA TYR C 140 9.15 -26.92 18.43
C TYR C 140 9.22 -28.32 17.84
N PRO C 141 8.61 -28.56 16.70
CA PRO C 141 7.92 -27.63 15.80
C PRO C 141 6.44 -27.38 16.13
N ARG C 142 5.92 -26.33 15.50
CA ARG C 142 4.51 -25.93 15.62
C ARG C 142 3.70 -26.89 14.76
N GLU C 143 3.70 -28.14 15.18
CA GLU C 143 2.78 -29.09 14.57
C GLU C 143 2.50 -30.15 15.63
N ALA C 144 1.49 -29.88 16.44
CA ALA C 144 1.15 -30.73 17.56
C ALA C 144 -0.36 -30.77 17.70
N LYS C 145 -0.86 -31.79 18.40
CA LYS C 145 -2.29 -32.00 18.49
C LYS C 145 -2.70 -32.19 19.94
N VAL C 146 -3.78 -31.51 20.32
CA VAL C 146 -4.36 -31.55 21.65
C VAL C 146 -5.72 -32.21 21.56
N GLN C 147 -5.89 -33.32 22.27
CA GLN C 147 -7.13 -34.08 22.31
C GLN C 147 -7.70 -34.02 23.73
N TRP C 148 -9.02 -33.91 23.81
CA TRP C 148 -9.75 -33.90 25.08
C TRP C 148 -10.61 -35.17 25.16
N LYS C 149 -10.49 -35.93 26.24
CA LYS C 149 -11.37 -37.07 26.48
C LYS C 149 -11.74 -37.11 27.94
N VAL C 150 -13.04 -37.16 28.23
CA VAL C 150 -13.52 -37.42 29.58
C VAL C 150 -13.94 -38.89 29.59
N ASP C 151 -12.97 -39.76 29.92
CA ASP C 151 -13.10 -41.22 30.03
C ASP C 151 -12.68 -41.87 28.71
N LEU C 154 -14.31 -39.33 23.41
CA LEU C 154 -13.56 -38.24 22.77
C LEU C 154 -14.45 -36.99 22.70
N GLN C 155 -13.84 -35.83 22.49
CA GLN C 155 -14.52 -34.55 22.62
C GLN C 155 -14.40 -33.74 21.34
N SER C 156 -15.53 -33.21 20.87
CA SER C 156 -15.54 -32.37 19.68
C SER C 156 -16.64 -31.33 19.80
N GLY C 157 -16.40 -30.17 19.18
CA GLY C 157 -17.32 -29.06 19.29
C GLY C 157 -17.30 -28.37 20.63
N ASN C 158 -16.30 -28.68 21.46
CA ASN C 158 -16.26 -28.22 22.84
C ASN C 158 -14.94 -27.53 23.20
N SER C 159 -13.96 -27.52 22.30
CA SER C 159 -12.61 -27.05 22.60
C SER C 159 -12.21 -25.90 21.68
N GLN C 160 -11.27 -25.08 22.17
CA GLN C 160 -10.72 -23.97 21.39
C GLN C 160 -9.25 -23.78 21.77
N GLU C 161 -8.42 -23.38 20.81
CA GLU C 161 -6.99 -23.33 21.09
C GLU C 161 -6.33 -22.18 20.34
N SER C 162 -5.16 -21.79 20.85
CA SER C 162 -4.45 -20.60 20.43
C SER C 162 -2.95 -20.81 20.61
N VAL C 163 -2.15 -20.27 19.70
CA VAL C 163 -0.71 -20.52 19.68
C VAL C 163 0.07 -19.23 19.49
N THR C 164 1.15 -19.07 20.26
CA THR C 164 2.02 -17.91 20.16
C THR C 164 2.85 -17.95 18.88
N GLU C 165 3.34 -16.79 18.49
CA GLU C 165 4.30 -16.76 17.41
C GLU C 165 5.66 -17.20 17.96
N GLN C 166 6.50 -17.69 17.05
CA GLN C 166 7.82 -18.19 17.39
C GLN C 166 8.57 -17.16 18.22
N ASP C 167 8.83 -17.49 19.48
CA ASP C 167 9.58 -16.59 20.32
C ASP C 167 10.97 -16.41 19.73
N SER C 168 11.47 -15.18 19.76
CA SER C 168 12.80 -14.91 19.21
C SER C 168 13.88 -15.60 20.02
N LYS C 169 13.73 -15.61 21.35
CA LYS C 169 14.78 -16.11 22.22
C LYS C 169 15.04 -17.60 21.96
N ASP C 170 14.01 -18.45 22.08
CA ASP C 170 14.21 -19.88 21.97
C ASP C 170 13.70 -20.47 20.67
N SER C 171 13.16 -19.66 19.75
CA SER C 171 12.59 -20.17 18.51
C SER C 171 11.59 -21.29 18.80
N THR C 172 10.70 -21.04 19.76
CA THR C 172 9.69 -22.03 20.14
C THR C 172 8.32 -21.41 20.04
N TYR C 173 7.32 -22.27 20.16
CA TYR C 173 5.92 -21.86 20.21
C TYR C 173 5.30 -22.40 21.48
N SER C 174 4.17 -21.82 21.88
CA SER C 174 3.40 -22.30 23.02
C SER C 174 1.92 -22.25 22.67
N LEU C 175 1.12 -23.08 23.34
CA LEU C 175 -0.28 -23.30 22.96
C LEU C 175 -1.17 -23.45 24.19
N SER C 176 -2.38 -22.91 24.06
CA SER C 176 -3.47 -23.06 25.05
C SER C 176 -4.68 -23.73 24.39
N SER C 177 -5.27 -24.70 25.09
CA SER C 177 -6.54 -25.29 24.72
C SER C 177 -7.53 -25.17 25.89
N THR C 178 -8.79 -24.94 25.56
CA THR C 178 -9.85 -24.71 26.53
C THR C 178 -11.06 -25.57 26.17
N LEU C 179 -11.65 -26.19 27.17
CA LEU C 179 -12.80 -27.08 27.04
C LEU C 179 -14.00 -26.47 27.74
N THR C 180 -15.16 -26.49 27.07
CA THR C 180 -16.37 -25.86 27.59
C THR C 180 -17.63 -26.58 27.11
N LYS C 183 -21.95 -26.88 33.37
CA LYS C 183 -21.88 -27.28 34.77
C LYS C 183 -22.49 -28.65 35.06
N ALA C 184 -23.77 -28.83 34.68
CA ALA C 184 -24.40 -30.13 34.83
C ALA C 184 -23.61 -31.20 34.06
N ASP C 185 -23.27 -30.88 32.81
CA ASP C 185 -22.36 -31.74 32.05
C ASP C 185 -21.07 -31.94 32.82
N TYR C 186 -20.54 -30.88 33.47
CA TYR C 186 -19.32 -31.03 34.25
C TYR C 186 -19.50 -31.97 35.41
N GLU C 187 -20.57 -31.77 36.18
CA GLU C 187 -20.78 -32.60 37.37
C GLU C 187 -21.10 -34.05 37.02
N LYS C 188 -21.37 -34.37 35.74
CA LYS C 188 -21.72 -35.75 35.37
C LYS C 188 -20.51 -36.73 35.39
N HIS C 189 -19.33 -36.35 34.87
CA HIS C 189 -18.18 -37.26 34.72
C HIS C 189 -16.98 -36.79 35.55
N LYS C 190 -16.43 -37.68 36.39
CA LYS C 190 -15.35 -37.26 37.30
C LYS C 190 -14.00 -37.04 36.63
N VAL C 191 -13.64 -37.84 35.63
CA VAL C 191 -12.25 -37.97 35.16
C VAL C 191 -12.11 -37.30 33.81
N TYR C 192 -11.41 -36.16 33.77
CA TYR C 192 -11.16 -35.43 32.54
C TYR C 192 -9.69 -35.50 32.16
N ALA C 193 -9.40 -35.60 30.86
CA ALA C 193 -8.03 -35.83 30.39
C ALA C 193 -7.70 -35.06 29.12
N CYS C 194 -6.41 -34.72 29.00
CA CYS C 194 -5.84 -33.94 27.90
C CYS C 194 -4.61 -34.66 27.36
N GLU C 195 -4.66 -35.08 26.09
CA GLU C 195 -3.58 -35.83 25.46
C GLU C 195 -2.85 -34.96 24.42
N VAL C 196 -1.53 -34.87 24.55
CA VAL C 196 -0.68 -34.13 23.63
C VAL C 196 0.11 -35.13 22.81
N THR C 197 0.01 -34.97 21.49
CA THR C 197 0.82 -35.69 20.52
C THR C 197 1.73 -34.68 19.84
N HIS C 198 3.02 -35.01 19.74
CA HIS C 198 4.02 -34.11 19.19
C HIS C 198 5.19 -34.93 18.65
N GLN C 199 6.01 -34.28 17.81
CA GLN C 199 7.16 -34.96 17.20
C GLN C 199 8.26 -35.28 18.19
N GLY C 200 8.65 -34.31 19.02
CA GLY C 200 9.68 -34.58 20.01
C GLY C 200 9.22 -35.52 21.11
N LEU C 201 7.92 -35.72 21.25
CA LEU C 201 7.35 -36.62 22.23
C LEU C 201 7.01 -37.94 21.55
N SER C 202 8.02 -38.79 21.39
CA SER C 202 7.74 -40.15 20.91
C SER C 202 6.75 -40.85 21.82
N SER C 203 6.76 -40.49 23.10
CA SER C 203 5.77 -40.97 24.06
C SER C 203 4.66 -39.93 24.15
N PRO C 204 3.46 -40.20 23.66
CA PRO C 204 2.36 -39.24 23.82
C PRO C 204 2.04 -39.05 25.29
N VAL C 205 1.63 -37.83 25.66
CA VAL C 205 1.48 -37.51 27.08
C VAL C 205 0.02 -37.20 27.39
N THR C 206 -0.44 -37.65 28.55
CA THR C 206 -1.81 -37.39 29.00
C THR C 206 -1.79 -36.79 30.40
N LYS C 207 -2.60 -35.74 30.61
CA LYS C 207 -2.71 -35.03 31.88
C LYS C 207 -4.18 -34.94 32.27
N SER C 208 -4.52 -35.42 33.47
CA SER C 208 -5.91 -35.67 33.84
C SER C 208 -6.19 -35.13 35.24
N PHE C 209 -7.47 -35.16 35.61
CA PHE C 209 -7.88 -34.75 36.95
C PHE C 209 -9.28 -35.28 37.27
N ASN C 210 -9.58 -35.28 38.57
CA ASN C 210 -10.86 -35.69 39.12
C ASN C 210 -11.40 -34.59 40.04
N ARG C 211 -12.73 -34.44 40.07
CA ARG C 211 -13.28 -33.48 41.01
C ARG C 211 -13.75 -34.23 42.27
C1 NAG D . 5.53 14.63 5.93
C2 NAG D . 6.46 14.00 4.88
C3 NAG D . 7.00 12.67 5.40
C4 NAG D . 7.60 12.77 6.80
C5 NAG D . 6.64 13.54 7.72
C6 NAG D . 7.28 13.86 9.06
C7 NAG D . 5.93 12.82 2.73
C8 NAG D . 6.79 13.14 1.54
N2 NAG D . 5.75 13.82 3.61
O3 NAG D . 8.06 12.22 4.54
O4 NAG D . 7.72 11.40 7.29
O5 NAG D . 6.24 14.81 7.16
O6 NAG D . 7.90 15.15 8.99
O7 NAG D . 5.42 11.71 2.84
C1 NAG D . 9.02 10.75 7.17
C2 NAG D . 8.91 9.40 6.44
C3 NAG D . 10.28 8.72 6.40
C4 NAG D . 11.29 9.62 5.71
C5 NAG D . 11.32 10.97 6.43
C6 NAG D . 12.30 11.92 5.76
C7 NAG D . 7.78 8.20 8.27
C8 NAG D . 8.40 6.91 8.75
N2 NAG D . 7.92 8.49 6.98
O3 NAG D . 10.17 7.44 5.76
O4 NAG D . 12.61 9.06 5.74
O5 NAG D . 10.00 11.54 6.45
O6 NAG D . 11.97 12.08 4.36
O7 NAG D . 7.18 8.95 9.02
C1 NAG E . 16.74 30.15 4.59
C2 NAG E . 16.81 28.62 4.72
C3 NAG E . 17.42 28.20 6.06
C4 NAG E . 18.84 28.73 6.24
C5 NAG E . 18.73 30.26 6.05
C6 NAG E . 20.08 30.98 6.04
C7 NAG E . 14.95 27.48 3.63
C8 NAG E . 13.57 26.92 3.81
N2 NAG E . 15.51 27.98 4.73
O3 NAG E . 17.37 26.77 6.11
O4 NAG E . 19.35 28.39 7.57
O5 NAG E . 18.08 30.61 4.80
O6 NAG E . 21.05 30.35 6.88
O7 NAG E . 15.53 27.53 2.55
C1 NAG E . 19.91 27.06 7.84
C2 NAG E . 20.44 26.96 9.29
C3 NAG E . 20.91 25.53 9.63
C4 NAG E . 19.82 24.51 9.30
C5 NAG E . 19.42 24.67 7.84
C6 NAG E . 18.30 23.70 7.44
C7 NAG E . 21.61 28.85 10.34
C8 NAG E . 22.68 28.86 11.39
N2 NAG E . 21.60 27.80 9.51
O3 NAG E . 21.27 25.43 11.02
O4 NAG E . 20.29 23.18 9.61
O5 NAG E . 18.94 26.01 7.63
O6 NAG E . 18.43 22.48 8.20
O7 NAG E . 20.78 29.74 10.25
C1 NAG F . -4.14 42.70 -7.97
C2 NAG F . -3.36 44.00 -7.87
C3 NAG F . -4.24 45.25 -7.97
C4 NAG F . -5.09 45.24 -9.23
C5 NAG F . -5.83 43.89 -9.27
C6 NAG F . -6.72 43.73 -10.50
C7 NAG F . -1.49 43.76 -6.39
C8 NAG F . -0.49 44.65 -7.07
N2 NAG F . -2.75 44.08 -6.56
O3 NAG F . -3.39 46.41 -7.94
O4 NAG F . -5.98 46.38 -9.24
O5 NAG F . -4.91 42.79 -9.19
O6 NAG F . -7.95 44.46 -10.35
O7 NAG F . -1.17 42.81 -5.69
C1 NAG F . -5.43 47.48 -10.03
C2 NAG F . -6.40 47.95 -11.13
C3 NAG F . -5.72 49.00 -12.01
C4 NAG F . -5.21 50.20 -11.18
C5 NAG F . -4.39 49.63 -10.00
C6 NAG F . -3.97 50.74 -9.04
C7 NAG F . -6.28 46.42 -13.05
C8 NAG F . -7.07 46.48 -14.34
N2 NAG F . -6.91 46.85 -11.95
O3 NAG F . -6.63 49.46 -13.04
O4 NAG F . -4.30 51.03 -11.99
O5 NAG F . -5.11 48.64 -9.25
O6 NAG F . -2.75 51.35 -9.48
O7 NAG F . -5.14 45.98 -13.03
C1 BMA F . -4.84 52.08 -12.86
C2 BMA F . -3.62 52.75 -13.66
C3 BMA F . -4.11 53.67 -14.82
C4 BMA F . -5.23 53.01 -15.63
C5 BMA F . -6.38 52.63 -14.68
C6 BMA F . -7.61 52.10 -15.38
O2 BMA F . -2.77 51.78 -14.26
O3 BMA F . -3.04 54.05 -15.71
O4 BMA F . -5.71 53.90 -16.63
O5 BMA F . -5.88 51.62 -13.77
O6 BMA F . -8.31 53.19 -15.98
C1 NAG G . -11.60 27.91 -11.68
C2 NAG G . -12.05 29.13 -10.88
C3 NAG G . -13.00 30.04 -11.65
C4 NAG G . -12.61 30.23 -13.10
C5 NAG G . -12.30 28.89 -13.74
C6 NAG G . -11.78 29.01 -15.15
C7 NAG G . -12.44 28.57 -8.63
C8 NAG G . -13.25 27.79 -7.63
N2 NAG G . -12.93 28.64 -9.85
O3 NAG G . -12.98 31.33 -11.05
O4 NAG G . -13.79 30.76 -13.69
O5 NAG G . -11.25 28.27 -13.02
O6 NAG G . -10.51 29.66 -15.03
O7 NAG G . -11.39 29.11 -8.39
C1 NAG G . -13.56 32.07 -14.22
C2 NAG G . -14.65 32.26 -15.24
C3 NAG G . -14.61 33.63 -15.86
C4 NAG G . -14.56 34.70 -14.78
C5 NAG G . -13.42 34.37 -13.82
C6 NAG G . -13.09 35.43 -12.75
C7 NAG G . -15.22 30.17 -16.24
C8 NAG G . -15.39 29.42 -17.52
N2 NAG G . -14.49 31.27 -16.29
O3 NAG G . -15.81 33.76 -16.64
O4 NAG G . -14.31 35.95 -15.46
O5 NAG G . -13.64 33.09 -13.23
O6 NAG G . -13.23 34.94 -11.41
O7 NAG G . -15.72 29.81 -15.18
C1 BMA G . -15.54 36.67 -15.75
C2 BMA G . -15.19 38.16 -15.87
C3 BMA G . -16.46 38.92 -16.08
C4 BMA G . -17.15 38.41 -17.34
C5 BMA G . -17.39 36.90 -17.21
C6 BMA G . -17.97 36.31 -18.45
O2 BMA G . -14.46 38.42 -17.05
O3 BMA G . -16.14 40.30 -16.24
O4 BMA G . -18.37 39.08 -17.52
O5 BMA G . -16.14 36.26 -16.96
O6 BMA G . -18.52 35.05 -18.16
C1 MAN G . -16.82 41.16 -15.31
C2 MAN G . -16.55 42.61 -15.83
C3 MAN G . -15.06 42.95 -15.55
C4 MAN G . -14.70 42.70 -14.05
C5 MAN G . -14.98 41.20 -13.71
C6 MAN G . -14.65 40.78 -12.24
O2 MAN G . -17.45 43.65 -15.26
O3 MAN G . -14.70 44.26 -16.00
O4 MAN G . -13.33 43.02 -13.81
O5 MAN G . -16.40 40.93 -13.97
O6 MAN G . -13.88 41.81 -11.60
C1 MAN G . -18.13 44.35 -16.37
C2 MAN G . -18.89 45.60 -15.84
C3 MAN G . -20.12 45.14 -15.02
C4 MAN G . -21.01 44.09 -15.77
C5 MAN G . -20.16 42.96 -16.33
C6 MAN G . -20.93 42.06 -17.24
O2 MAN G . -19.38 46.41 -16.93
O3 MAN G . -20.92 46.26 -14.61
O4 MAN G . -21.99 43.52 -14.87
O5 MAN G . -19.05 43.50 -17.08
O6 MAN G . -22.18 41.75 -16.60
C1 MAN G . -19.20 34.65 -19.37
C2 MAN G . -19.85 33.27 -19.17
C3 MAN G . -18.78 32.22 -19.06
C4 MAN G . -17.92 32.16 -20.34
C5 MAN G . -17.31 33.56 -20.64
C6 MAN G . -16.70 33.65 -22.06
O2 MAN G . -20.61 32.88 -20.31
O3 MAN G . -19.38 30.95 -18.79
O4 MAN G . -16.88 31.23 -20.15
O5 MAN G . -18.30 34.63 -20.52
O6 MAN G . -17.66 33.08 -22.98
C1 MAN G . -20.08 31.17 -17.54
C2 MAN G . -19.21 30.57 -16.46
C3 MAN G . -19.22 29.04 -16.58
C4 MAN G . -20.67 28.47 -16.67
C5 MAN G . -21.45 29.17 -17.76
C6 MAN G . -22.93 28.77 -17.71
O2 MAN G . -19.79 30.85 -15.18
O3 MAN G . -18.48 28.43 -15.52
O4 MAN G . -20.66 27.11 -16.99
O5 MAN G . -21.38 30.58 -17.56
O6 MAN G . -23.42 28.72 -19.05
C1 MAN G . -17.12 32.94 -24.32
C2 MAN G . -18.30 32.67 -25.26
C3 MAN G . -18.90 31.22 -24.99
C4 MAN G . -17.80 30.11 -24.83
C5 MAN G . -16.63 30.59 -23.95
C6 MAN G . -15.44 29.64 -23.98
O2 MAN G . -17.93 32.78 -26.65
O3 MAN G . -19.88 30.84 -25.97
O4 MAN G . -18.35 28.92 -24.26
O5 MAN G . -16.15 31.91 -24.38
O6 MAN G . -14.31 30.37 -23.54
C1 NAG H . 19.08 35.20 -20.94
C2 NAG H . 20.36 36.00 -21.19
C3 NAG H . 20.09 37.48 -21.01
C4 NAG H . 18.98 37.94 -21.94
C5 NAG H . 17.75 37.05 -21.72
C6 NAG H . 16.62 37.37 -22.71
C7 NAG H . 22.47 34.85 -20.75
C8 NAG H . 23.44 34.37 -19.70
N2 NAG H . 21.44 35.57 -20.31
O3 NAG H . 21.29 38.22 -21.23
O4 NAG H . 18.63 39.30 -21.63
O5 NAG H . 18.09 35.65 -21.87
O6 NAG H . 16.86 36.80 -24.00
O7 NAG H . 22.61 34.58 -21.94
C1 NAG H . 18.81 40.29 -22.67
C2 NAG H . 18.09 41.55 -22.21
C3 NAG H . 18.29 42.71 -23.17
C4 NAG H . 19.77 42.92 -23.42
C5 NAG H . 20.39 41.61 -23.92
C6 NAG H . 21.89 41.74 -24.22
C7 NAG H . 16.10 40.85 -21.04
C8 NAG H . 14.85 40.04 -21.26
N2 NAG H . 16.66 41.34 -22.13
O3 NAG H . 17.68 43.90 -22.61
O4 NAG H . 19.89 43.98 -24.38
O5 NAG H . 20.19 40.60 -22.93
O6 NAG H . 22.65 42.01 -23.03
O7 NAG H . 16.56 41.06 -19.92
C1 BMA H . 20.61 45.11 -23.84
C2 BMA H . 20.81 46.09 -25.00
C3 BMA H . 21.81 47.12 -24.52
C4 BMA H . 21.24 47.87 -23.26
C5 BMA H . 20.76 46.86 -22.16
C6 BMA H . 19.96 47.53 -21.04
O2 BMA H . 19.57 46.79 -25.28
O3 BMA H . 22.25 48.03 -25.56
O4 BMA H . 22.21 48.76 -22.71
O5 BMA H . 19.95 45.80 -22.76
O6 BMA H . 20.83 48.37 -20.29
C1 MAN H . 22.33 47.40 -26.87
C2 MAN H . 23.76 46.74 -27.10
C3 MAN H . 24.83 47.83 -27.31
C4 MAN H . 24.34 48.85 -28.35
C5 MAN H . 23.00 49.43 -27.82
C6 MAN H . 22.45 50.57 -28.62
O2 MAN H . 23.80 45.94 -28.28
O3 MAN H . 26.10 47.28 -27.69
O4 MAN H . 25.31 49.87 -28.54
O5 MAN H . 22.05 48.37 -27.83
O6 MAN H . 21.05 50.68 -28.32
C1 NAG I . -0.44 36.91 -16.41
C2 NAG I . -1.79 36.96 -17.13
C3 NAG I . -2.03 38.35 -17.72
C4 NAG I . -1.74 39.38 -16.62
C5 NAG I . -0.36 39.23 -16.01
C6 NAG I . -0.03 40.21 -14.90
C7 NAG I . -1.50 35.77 -19.30
C8 NAG I . -2.36 35.01 -20.26
N2 NAG I . -1.91 35.81 -18.03
O3 NAG I . -3.40 38.54 -18.13
O4 NAG I . -1.97 40.73 -17.04
O5 NAG I . -0.33 37.95 -15.44
O6 NAG I . 0.65 39.50 -13.86
O7 NAG I . -0.46 36.27 -19.67
C1 NAG I . -3.71 39.13 -19.42
C2 NAG I . -2.60 39.81 -20.24
C3 NAG I . -3.30 40.43 -21.45
C4 NAG I . -4.06 39.37 -22.24
C5 NAG I . -5.08 38.68 -21.33
C6 NAG I . -5.79 37.51 -22.01
C7 NAG I . -0.49 40.93 -19.46
C8 NAG I . 0.11 42.29 -19.17
N2 NAG I . -1.83 40.88 -19.57
O3 NAG I . -2.31 41.08 -22.27
O4 NAG I . -4.64 39.85 -23.49
O5 NAG I . -4.39 38.15 -20.21
O6 NAG I . -5.09 36.30 -21.70
O7 NAG I . 0.22 39.93 -19.56
C1 BMA I . -5.42 41.07 -23.46
C2 BMA I . -4.68 42.20 -24.23
C3 BMA I . -5.47 43.51 -24.03
C4 BMA I . -6.94 43.35 -24.56
C5 BMA I . -7.63 42.01 -24.05
C6 BMA I . -8.83 41.60 -24.92
O2 BMA I . -4.64 41.93 -25.63
O3 BMA I . -4.73 44.71 -24.50
O4 BMA I . -7.74 44.47 -24.15
O5 BMA I . -6.72 40.87 -24.03
O6 BMA I . -8.47 41.87 -26.27
C1 MAN I . -5.17 45.27 -25.78
C2 MAN I . -4.24 44.71 -26.94
C3 MAN I . -2.88 45.41 -26.95
C4 MAN I . -3.01 46.96 -26.82
C5 MAN I . -3.86 47.33 -25.59
C6 MAN I . -4.08 48.84 -25.44
O2 MAN I . -4.81 44.91 -28.26
O3 MAN I . -2.12 45.05 -28.12
O4 MAN I . -1.71 47.55 -26.70
O5 MAN I . -5.16 46.71 -25.72
O6 MAN I . -4.27 49.16 -24.06
C1 MAN I . -8.90 40.86 -27.19
C2 MAN I . -7.68 40.34 -27.96
C3 MAN I . -6.98 41.53 -28.64
C4 MAN I . -7.99 42.42 -29.43
C5 MAN I . -9.30 42.68 -28.61
C6 MAN I . -10.42 43.29 -29.42
O2 MAN I . -8.05 39.43 -29.03
O3 MAN I . -5.89 41.13 -29.48
O4 MAN I . -7.37 43.66 -29.75
O5 MAN I . -9.80 41.43 -28.05
O6 MAN I . -11.38 42.26 -29.66
C1 NAG J . -12.44 13.12 -15.24
C2 NAG J . -13.00 14.42 -15.84
C3 NAG J . -14.32 14.77 -15.15
C4 NAG J . -15.35 13.65 -15.31
C5 NAG J . -14.72 12.35 -14.79
C6 NAG J . -15.59 11.13 -15.13
C7 NAG J . -11.28 15.90 -16.72
C8 NAG J . -10.57 17.20 -16.51
N2 NAG J . -12.03 15.49 -15.70
O3 NAG J . -14.88 16.00 -15.67
O4 NAG J . -16.53 14.05 -14.58
O5 NAG J . -13.46 12.10 -15.42
O6 NAG J . -15.65 10.18 -14.04
O7 NAG J . -11.18 15.28 -17.77
C1 NAG J . -17.80 13.79 -15.28
C2 NAG J . -18.96 14.48 -14.54
C3 NAG J . -20.28 14.13 -15.23
C4 NAG J . -20.22 14.57 -16.69
C5 NAG J . -19.01 13.94 -17.37
C6 NAG J . -18.91 14.42 -18.82
C7 NAG J . -18.47 13.12 -12.54
C8 NAG J . -17.45 13.36 -11.47
N2 NAG J . -18.99 14.20 -13.11
O3 NAG J . -21.40 14.71 -14.56
O4 NAG J . -21.44 14.25 -17.39
O5 NAG J . -17.81 14.26 -16.65
O6 NAG J . -19.54 15.70 -18.95
O7 NAG J . -18.79 12.00 -12.87
C1 NAG K . 18.55 44.09 -2.94
C2 NAG K . 18.23 45.33 -2.07
C3 NAG K . 19.12 46.50 -2.48
C4 NAG K . 20.59 46.12 -2.33
C5 NAG K . 20.86 44.85 -3.15
C6 NAG K . 22.34 44.52 -2.99
C7 NAG K . 15.94 45.17 -1.30
C8 NAG K . 14.49 45.25 -1.71
N2 NAG K . 16.83 45.71 -2.14
O3 NAG K . 18.84 47.67 -1.68
O4 NAG K . 21.48 47.17 -2.77
O5 NAG K . 19.97 43.78 -2.75
O6 NAG K . 23.15 45.67 -3.31
O7 NAG K . 16.32 44.63 -0.26
C1 NAG L . -7.88 24.26 -44.41
C2 NAG L . -9.28 24.59 -43.84
C3 NAG L . -10.39 23.83 -44.57
C4 NAG L . -10.27 24.05 -46.07
C5 NAG L . -8.85 23.69 -46.53
C6 NAG L . -8.66 23.84 -48.03
C7 NAG L . -8.61 23.36 -41.82
C8 NAG L . -9.16 21.96 -41.84
N2 NAG L . -9.35 24.30 -42.42
O3 NAG L . -11.69 24.24 -44.11
O4 NAG L . -11.25 23.27 -46.76
O5 NAG L . -7.89 24.50 -45.82
O6 NAG L . -9.38 22.78 -48.70
O7 NAG L . -7.54 23.63 -41.28
#